data_5VDN
#
_entry.id   5VDN
#
_cell.length_a   125.844
_cell.length_b   125.844
_cell.length_c   124.557
_cell.angle_alpha   90.00
_cell.angle_beta   90.00
_cell.angle_gamma   120.00
#
_symmetry.space_group_name_H-M   'P 64'
#
loop_
_entity.id
_entity.type
_entity.pdbx_description
1 polymer 'Glutathione oxidoreductase'
2 non-polymer 'POTASSIUM ION'
3 non-polymer 'FLAVIN-ADENINE DINUCLEOTIDE'
4 non-polymer beta-D-fructopyranose
5 non-polymer GLYCEROL
6 water water
#
_entity_poly.entity_id   1
_entity_poly.type   'polypeptide(L)'
_entity_poly.pdbx_seq_one_letter_code
;SNAMTGYLMETTLMTKHYDYLAIGGGSGGIASINRAAMYGKKCALIEAKQLGGTCVNVGCVPKKVMWHAAQIAEAIHLYG
PDYGFDTTVNHFDWKKLIANRTAYIDRIHQSYERGLGNNKVDVIQGFARFVDAHTVEVNGETITADHILIATGGRPSHPD
IPGAEYGIDSDGFFELDEMPKRVAVVGAGYIAVEIAGVLNGLGTETHLFVRKHAPLRTFDPLIVETLLEVMNTEGPKLHT
ESVPKAVIKNADGSLTLQLENGTEVTVDHLIWAIGREPATDNLNLSVTGVKTNDKGYIEVDKFQNTNVKGIYAVGDNTGV
VELTPVAVAAGRRLSERLFNNKPDEHLDYSNIPTVVFSHPPIGTIGLTEPQAREKFGDDQVKVYTSSFTAMYSAVTQHRQ
PCRMKLVCVGAEEKIVGIHGIGFGMDEILQGFAVAMKMGATKKDFDNTVAIHPTAAEEFVTMR
;
_entity_poly.pdbx_strand_id   A,B
#
loop_
_chem_comp.id
_chem_comp.type
_chem_comp.name
_chem_comp.formula
BDF D-saccharide, beta linking beta-D-fructopyranose 'C6 H12 O6'
FAD non-polymer 'FLAVIN-ADENINE DINUCLEOTIDE' 'C27 H33 N9 O15 P2'
GOL non-polymer GLYCEROL 'C3 H8 O3'
K non-polymer 'POTASSIUM ION' 'K 1'
#
# COMPACT_ATOMS: atom_id res chain seq x y z
N THR A 15 -28.12 -34.28 28.27
CA THR A 15 -26.95 -34.11 27.35
C THR A 15 -27.36 -33.62 25.95
N LYS A 16 -26.76 -32.52 25.53
CA LYS A 16 -27.04 -31.91 24.23
C LYS A 16 -26.15 -32.51 23.16
N HIS A 17 -26.71 -32.76 21.98
CA HIS A 17 -25.97 -33.30 20.85
C HIS A 17 -25.95 -32.32 19.68
N TYR A 18 -24.79 -32.23 19.02
CA TYR A 18 -24.62 -31.38 17.85
C TYR A 18 -23.98 -32.15 16.71
N ASP A 19 -24.20 -31.69 15.49
CA ASP A 19 -23.52 -32.28 14.35
C ASP A 19 -22.05 -31.89 14.39
N TYR A 20 -21.77 -30.63 14.74
CA TYR A 20 -20.40 -30.12 14.73
C TYR A 20 -20.19 -29.18 15.90
N LEU A 21 -19.08 -29.39 16.60
CA LEU A 21 -18.72 -28.61 17.76
C LEU A 21 -17.32 -28.07 17.57
N ALA A 22 -17.13 -26.76 17.73
CA ALA A 22 -15.80 -26.17 17.66
C ALA A 22 -15.43 -25.72 19.08
N ILE A 23 -14.27 -26.17 19.54
CA ILE A 23 -13.70 -25.77 20.83
C ILE A 23 -12.72 -24.66 20.53
N GLY A 24 -13.07 -23.44 20.93
CA GLY A 24 -12.25 -22.25 20.69
C GLY A 24 -12.97 -21.33 19.71
N GLY A 25 -13.32 -20.13 20.18
CA GLY A 25 -14.01 -19.14 19.35
C GLY A 25 -13.08 -18.05 18.85
N GLY A 26 -11.91 -18.47 18.35
CA GLY A 26 -10.95 -17.57 17.74
C GLY A 26 -11.07 -17.61 16.23
N SER A 27 -9.97 -17.28 15.56
CA SER A 27 -9.95 -17.21 14.10
C SER A 27 -10.45 -18.46 13.41
N GLY A 28 -9.86 -19.59 13.77
CA GLY A 28 -10.25 -20.85 13.12
C GLY A 28 -11.63 -21.37 13.49
N GLY A 29 -11.98 -21.29 14.77
CA GLY A 29 -13.26 -21.83 15.23
C GLY A 29 -14.45 -21.08 14.71
N ILE A 30 -14.40 -19.75 14.79
CA ILE A 30 -15.50 -18.97 14.29
C ILE A 30 -15.67 -19.19 12.79
N ALA A 31 -14.57 -19.14 12.05
CA ALA A 31 -14.64 -19.30 10.61
C ALA A 31 -15.23 -20.65 10.24
N SER A 32 -14.77 -21.71 10.91
CA SER A 32 -15.22 -23.04 10.55
C SER A 32 -16.68 -23.28 10.95
N ILE A 33 -17.05 -22.86 12.15
CA ILE A 33 -18.41 -23.10 12.64
C ILE A 33 -19.45 -22.35 11.80
N ASN A 34 -19.16 -21.11 11.44
CA ASN A 34 -20.09 -20.34 10.60
C ASN A 34 -20.27 -20.99 9.24
N ARG A 35 -19.19 -21.48 8.65
CA ARG A 35 -19.31 -22.10 7.32
C ARG A 35 -20.11 -23.40 7.40
N ALA A 36 -19.91 -24.19 8.47
CA ALA A 36 -20.68 -25.41 8.65
C ALA A 36 -22.16 -25.10 8.82
N ALA A 37 -22.43 -24.05 9.58
CA ALA A 37 -23.82 -23.64 9.85
C ALA A 37 -24.51 -23.22 8.56
N MET A 38 -23.77 -22.63 7.63
N MET A 38 -23.77 -22.64 7.62
CA MET A 38 -24.34 -22.22 6.35
CA MET A 38 -24.40 -22.19 6.37
C MET A 38 -24.84 -23.42 5.53
C MET A 38 -24.79 -23.39 5.48
N TYR A 39 -24.28 -24.59 5.81
CA TYR A 39 -24.68 -25.82 5.12
C TYR A 39 -25.70 -26.65 5.92
N GLY A 40 -26.41 -25.96 6.83
CA GLY A 40 -27.49 -26.58 7.61
C GLY A 40 -27.15 -27.48 8.76
N LYS A 41 -25.89 -27.50 9.18
CA LYS A 41 -25.50 -28.36 10.29
C LYS A 41 -25.89 -27.70 11.63
N LYS A 42 -26.18 -28.55 12.61
CA LYS A 42 -26.51 -28.09 13.97
C LYS A 42 -25.16 -27.92 14.67
N CYS A 43 -24.81 -26.68 14.97
CA CYS A 43 -23.48 -26.35 15.46
C CYS A 43 -23.43 -25.69 16.82
N ALA A 44 -22.32 -25.91 17.50
CA ALA A 44 -22.03 -25.27 18.77
C ALA A 44 -20.58 -24.79 18.76
N LEU A 45 -20.36 -23.68 19.45
CA LEU A 45 -19.06 -23.06 19.59
C LEU A 45 -18.84 -22.83 21.07
N ILE A 46 -17.74 -23.31 21.59
CA ILE A 46 -17.39 -23.12 23.01
C ILE A 46 -16.18 -22.20 23.10
N GLU A 47 -16.32 -21.09 23.83
CA GLU A 47 -15.22 -20.11 24.02
C GLU A 47 -15.11 -19.75 25.47
N ALA A 48 -13.92 -19.89 26.01
CA ALA A 48 -13.69 -19.64 27.44
C ALA A 48 -13.56 -18.17 27.80
N LYS A 49 -13.09 -17.37 26.85
CA LYS A 49 -12.82 -15.95 27.10
C LYS A 49 -13.63 -15.07 26.17
N GLN A 50 -13.01 -14.35 25.24
CA GLN A 50 -13.76 -13.48 24.33
C GLN A 50 -13.78 -13.99 22.91
N LEU A 51 -14.88 -13.78 22.21
CA LEU A 51 -14.95 -14.14 20.80
C LEU A 51 -13.89 -13.40 20.03
N GLY A 52 -13.38 -14.05 18.99
CA GLY A 52 -12.37 -13.47 18.13
C GLY A 52 -10.97 -13.94 18.48
N GLY A 53 -10.83 -14.57 19.62
CA GLY A 53 -9.55 -15.16 20.00
C GLY A 53 -8.39 -14.19 20.15
N THR A 54 -7.21 -14.72 19.92
CA THR A 54 -6.02 -13.95 20.07
C THR A 54 -5.97 -12.78 19.12
N CYS A 55 -6.32 -12.98 17.87
N CYS A 55 -6.36 -13.02 17.87
CA CYS A 55 -6.20 -11.90 16.91
CA CYS A 55 -6.38 -12.03 16.80
C CYS A 55 -7.04 -10.66 17.28
C CYS A 55 -7.07 -10.72 17.16
N VAL A 56 -8.32 -10.85 17.59
CA VAL A 56 -9.16 -9.72 17.88
C VAL A 56 -8.86 -9.05 19.21
N ASN A 57 -8.48 -9.83 20.22
CA ASN A 57 -8.37 -9.30 21.56
C ASN A 57 -7.00 -8.88 22.03
N VAL A 58 -5.98 -9.65 21.63
CA VAL A 58 -4.60 -9.43 22.09
C VAL A 58 -3.61 -9.73 20.99
N GLY A 59 -4.02 -9.48 19.74
CA GLY A 59 -3.20 -9.82 18.59
C GLY A 59 -3.26 -8.82 17.48
N CYS A 60 -3.53 -9.29 16.27
N CYS A 60 -3.52 -9.30 16.28
CA CYS A 60 -3.51 -8.48 15.05
CA CYS A 60 -3.59 -8.50 15.05
C CYS A 60 -4.26 -7.14 15.16
C CYS A 60 -4.26 -7.14 15.20
N VAL A 61 -5.48 -7.17 15.71
CA VAL A 61 -6.29 -5.96 15.79
C VAL A 61 -5.73 -4.87 16.71
N PRO A 62 -5.54 -5.16 18.01
CA PRO A 62 -5.00 -4.09 18.83
C PRO A 62 -3.56 -3.72 18.44
N LYS A 63 -2.81 -4.68 17.90
CA LYS A 63 -1.46 -4.39 17.43
C LYS A 63 -1.50 -3.33 16.33
N LYS A 64 -2.42 -3.50 15.39
CA LYS A 64 -2.51 -2.58 14.26
C LYS A 64 -2.95 -1.21 14.72
N VAL A 65 -3.87 -1.12 15.67
CA VAL A 65 -4.28 0.16 16.22
C VAL A 65 -3.07 0.85 16.83
N MET A 66 -2.30 0.13 17.65
CA MET A 66 -1.10 0.73 18.25
C MET A 66 -0.07 1.13 17.20
N TRP A 67 0.04 0.34 16.14
CA TRP A 67 0.96 0.67 15.03
C TRP A 67 0.56 1.99 14.37
N HIS A 68 -0.74 2.17 14.14
CA HIS A 68 -1.23 3.43 13.60
C HIS A 68 -0.94 4.61 14.54
N ALA A 69 -1.07 4.39 15.85
CA ALA A 69 -0.76 5.44 16.82
C ALA A 69 0.71 5.83 16.67
N ALA A 70 1.58 4.84 16.51
CA ALA A 70 3.00 5.13 16.32
C ALA A 70 3.27 5.88 15.01
N GLN A 71 2.56 5.53 13.94
CA GLN A 71 2.71 6.25 12.66
C GLN A 71 2.34 7.71 12.83
N ILE A 72 1.30 7.98 13.61
CA ILE A 72 0.90 9.36 13.86
C ILE A 72 1.98 10.05 14.66
N ALA A 73 2.48 9.39 15.71
CA ALA A 73 3.54 9.99 16.51
C ALA A 73 4.76 10.34 15.66
N GLU A 74 5.11 9.46 14.73
CA GLU A 74 6.25 9.69 13.86
C GLU A 74 5.95 10.83 12.87
N ALA A 75 4.70 10.91 12.40
CA ALA A 75 4.31 12.02 11.49
C ALA A 75 4.51 13.34 12.23
N ILE A 76 4.14 13.39 13.50
CA ILE A 76 4.28 14.61 14.30
C ILE A 76 5.71 14.94 14.67
N HIS A 77 6.42 13.94 15.19
CA HIS A 77 7.77 14.18 15.71
C HIS A 77 8.92 14.08 14.71
N LEU A 78 8.86 13.14 13.78
CA LEU A 78 9.96 12.92 12.86
C LEU A 78 9.84 13.62 11.55
N TYR A 79 8.74 13.36 10.84
CA TYR A 79 8.60 13.89 9.49
C TYR A 79 7.96 15.26 9.40
N GLY A 80 6.93 15.48 10.21
CA GLY A 80 6.18 16.74 10.20
C GLY A 80 6.99 18.03 10.15
N PRO A 81 8.01 18.17 11.04
CA PRO A 81 8.79 19.40 11.04
C PRO A 81 9.38 19.79 9.68
N ASP A 82 9.83 18.81 8.91
CA ASP A 82 10.41 19.08 7.59
C ASP A 82 9.36 19.34 6.50
N TYR A 83 8.10 19.03 6.79
CA TYR A 83 6.98 19.35 5.93
C TYR A 83 6.36 20.68 6.36
N GLY A 84 6.99 21.36 7.32
CA GLY A 84 6.54 22.68 7.77
C GLY A 84 5.69 22.70 9.02
N PHE A 85 5.45 21.56 9.63
CA PHE A 85 4.61 21.50 10.84
C PHE A 85 5.40 21.66 12.15
N ASP A 86 5.28 22.85 12.75
CA ASP A 86 5.90 23.15 14.06
C ASP A 86 4.76 22.86 15.01
N THR A 87 4.86 21.74 15.72
N THR A 87 4.81 21.70 15.67
CA THR A 87 3.81 21.32 16.60
CA THR A 87 3.72 21.21 16.55
C THR A 87 4.29 21.21 18.03
C THR A 87 4.16 20.84 17.96
N THR A 88 3.32 21.17 18.93
CA THR A 88 3.54 20.88 20.33
C THR A 88 2.52 19.84 20.73
N VAL A 89 2.98 18.71 21.27
CA VAL A 89 2.07 17.70 21.78
C VAL A 89 1.82 18.14 23.22
N ASN A 90 0.62 18.64 23.49
CA ASN A 90 0.25 19.09 24.84
C ASN A 90 0.12 17.87 25.75
N HIS A 91 -0.49 16.81 25.24
CA HIS A 91 -0.65 15.58 26.00
C HIS A 91 -0.80 14.39 25.07
N PHE A 92 -0.20 13.26 25.42
CA PHE A 92 -0.43 12.02 24.71
C PHE A 92 -1.22 11.19 25.71
N ASP A 93 -2.51 11.09 25.48
CA ASP A 93 -3.46 10.43 26.39
C ASP A 93 -3.57 8.95 26.06
N TRP A 94 -2.71 8.17 26.71
CA TRP A 94 -2.65 6.72 26.49
C TRP A 94 -3.98 6.08 26.84
N LYS A 95 -4.62 6.54 27.93
CA LYS A 95 -5.90 5.97 28.33
C LYS A 95 -6.99 6.15 27.28
N LYS A 96 -6.97 7.29 26.58
CA LYS A 96 -7.95 7.54 25.53
C LYS A 96 -7.71 6.61 24.35
N LEU A 97 -6.43 6.43 24.00
CA LEU A 97 -6.07 5.53 22.91
C LEU A 97 -6.58 4.13 23.23
N ILE A 98 -6.32 3.68 24.46
CA ILE A 98 -6.73 2.33 24.88
C ILE A 98 -8.26 2.22 24.89
N ALA A 99 -8.95 3.26 25.35
CA ALA A 99 -10.41 3.25 25.40
C ALA A 99 -11.00 3.10 23.99
N ASN A 100 -10.45 3.84 23.05
CA ASN A 100 -10.95 3.78 21.66
C ASN A 100 -10.62 2.44 20.99
N ARG A 101 -9.44 1.92 21.29
CA ARG A 101 -9.02 0.63 20.79
C ARG A 101 -9.99 -0.43 21.34
N THR A 102 -10.29 -0.35 22.63
CA THR A 102 -11.17 -1.29 23.28
C THR A 102 -12.61 -1.20 22.73
N ALA A 103 -13.07 0.02 22.46
CA ALA A 103 -14.42 0.20 21.92
C ALA A 103 -14.54 -0.44 20.52
N TYR A 104 -13.50 -0.33 19.71
CA TYR A 104 -13.49 -0.96 18.41
C TYR A 104 -13.57 -2.48 18.54
N ILE A 105 -12.79 -3.03 19.45
CA ILE A 105 -12.79 -4.47 19.69
C ILE A 105 -14.17 -4.93 20.18
N ASP A 106 -14.82 -4.10 20.99
CA ASP A 106 -16.17 -4.43 21.45
C ASP A 106 -17.13 -4.51 20.26
N ARG A 107 -17.00 -3.60 19.30
CA ARG A 107 -17.85 -3.62 18.10
C ARG A 107 -17.62 -4.88 17.30
N ILE A 108 -16.36 -5.33 17.23
CA ILE A 108 -16.04 -6.56 16.53
C ILE A 108 -16.69 -7.74 17.25
N HIS A 109 -16.64 -7.77 18.60
CA HIS A 109 -17.31 -8.85 19.32
C HIS A 109 -18.79 -8.91 18.98
N GLN A 110 -19.43 -7.74 18.99
CA GLN A 110 -20.87 -7.65 18.72
C GLN A 110 -21.18 -8.15 17.30
N SER A 111 -20.32 -7.82 16.36
CA SER A 111 -20.50 -8.25 14.99
C SER A 111 -20.43 -9.79 14.92
N TYR A 112 -19.44 -10.38 15.59
CA TYR A 112 -19.33 -11.84 15.57
C TYR A 112 -20.54 -12.48 16.22
N GLU A 113 -21.01 -11.90 17.32
CA GLU A 113 -22.21 -12.41 18.03
C GLU A 113 -23.41 -12.41 17.11
N ARG A 114 -23.59 -11.33 16.37
CA ARG A 114 -24.74 -11.26 15.44
C ARG A 114 -24.64 -12.30 14.36
N GLY A 115 -23.45 -12.46 13.80
CA GLY A 115 -23.20 -13.44 12.74
C GLY A 115 -23.52 -14.87 13.21
N LEU A 116 -23.04 -15.20 14.40
CA LEU A 116 -23.25 -16.53 14.97
C LEU A 116 -24.72 -16.76 15.31
N GLY A 117 -25.39 -15.73 15.84
CA GLY A 117 -26.81 -15.81 16.17
C GLY A 117 -27.65 -15.98 14.92
N ASN A 118 -27.31 -15.24 13.87
CA ASN A 118 -28.01 -15.35 12.60
C ASN A 118 -27.85 -16.70 11.91
N ASN A 119 -26.71 -17.36 12.14
CA ASN A 119 -26.46 -18.71 11.63
C ASN A 119 -26.98 -19.79 12.58
N LYS A 120 -27.60 -19.37 13.68
CA LYS A 120 -28.19 -20.31 14.65
C LYS A 120 -27.17 -21.25 15.31
N VAL A 121 -25.97 -20.72 15.53
CA VAL A 121 -24.90 -21.45 16.21
C VAL A 121 -25.09 -21.24 17.72
N ASP A 122 -25.09 -22.31 18.50
CA ASP A 122 -25.17 -22.19 19.95
C ASP A 122 -23.79 -21.80 20.47
N VAL A 123 -23.70 -20.64 21.09
CA VAL A 123 -22.42 -20.17 21.61
C VAL A 123 -22.45 -20.35 23.11
N ILE A 124 -21.45 -21.05 23.63
CA ILE A 124 -21.34 -21.37 25.04
C ILE A 124 -20.07 -20.75 25.61
N GLN A 125 -20.21 -19.96 26.68
CA GLN A 125 -19.08 -19.33 27.32
C GLN A 125 -18.59 -20.24 28.45
N GLY A 126 -17.43 -20.85 28.26
CA GLY A 126 -16.86 -21.75 29.24
C GLY A 126 -15.66 -22.46 28.69
N PHE A 127 -14.96 -23.19 29.56
CA PHE A 127 -13.77 -23.91 29.17
C PHE A 127 -14.15 -25.38 28.98
N ALA A 128 -14.02 -25.86 27.76
CA ALA A 128 -14.36 -27.25 27.45
C ALA A 128 -13.24 -28.20 27.82
N ARG A 129 -13.63 -29.35 28.38
CA ARG A 129 -12.70 -30.44 28.71
C ARG A 129 -13.30 -31.71 28.15
N PHE A 130 -12.48 -32.54 27.51
CA PHE A 130 -12.99 -33.81 26.96
C PHE A 130 -13.32 -34.81 28.08
N VAL A 131 -14.33 -35.64 27.78
CA VAL A 131 -14.80 -36.73 28.64
C VAL A 131 -14.45 -38.04 27.91
N ASP A 132 -14.65 -38.06 26.60
CA ASP A 132 -14.23 -39.15 25.74
C ASP A 132 -13.99 -38.56 24.38
N ALA A 133 -13.73 -39.39 23.38
CA ALA A 133 -13.40 -38.84 22.03
C ALA A 133 -14.47 -37.98 21.37
N HIS A 134 -15.74 -38.15 21.75
CA HIS A 134 -16.82 -37.38 21.12
C HIS A 134 -17.69 -36.65 22.12
N THR A 135 -17.16 -36.43 23.32
CA THR A 135 -17.93 -35.79 24.37
C THR A 135 -17.06 -34.83 25.16
N VAL A 136 -17.61 -33.65 25.45
CA VAL A 136 -16.93 -32.65 26.27
C VAL A 136 -17.86 -32.24 27.38
N GLU A 137 -17.28 -31.66 28.42
CA GLU A 137 -18.01 -31.11 29.53
C GLU A 137 -17.63 -29.64 29.62
N VAL A 138 -18.62 -28.78 29.81
CA VAL A 138 -18.39 -27.35 29.98
C VAL A 138 -19.44 -26.80 30.94
N ASN A 139 -19.01 -26.06 31.97
CA ASN A 139 -19.94 -25.51 32.96
C ASN A 139 -20.83 -26.58 33.56
N GLY A 140 -20.30 -27.80 33.67
CA GLY A 140 -21.04 -28.90 34.26
C GLY A 140 -22.04 -29.61 33.34
N GLU A 141 -22.15 -29.15 32.10
CA GLU A 141 -23.04 -29.80 31.14
C GLU A 141 -22.23 -30.64 30.16
N THR A 142 -22.83 -31.75 29.75
CA THR A 142 -22.22 -32.70 28.86
C THR A 142 -22.75 -32.44 27.46
N ILE A 143 -21.83 -32.40 26.49
CA ILE A 143 -22.18 -32.13 25.11
C ILE A 143 -21.47 -33.13 24.21
N THR A 144 -22.22 -33.73 23.29
CA THR A 144 -21.65 -34.68 22.35
C THR A 144 -21.76 -34.12 20.94
N ALA A 145 -20.89 -34.60 20.07
CA ALA A 145 -20.91 -34.18 18.68
C ALA A 145 -20.26 -35.20 17.77
N ASP A 146 -20.79 -35.35 16.57
CA ASP A 146 -20.24 -36.28 15.59
C ASP A 146 -18.88 -35.83 15.06
N HIS A 147 -18.68 -34.52 14.99
CA HIS A 147 -17.48 -33.92 14.47
C HIS A 147 -17.05 -32.84 15.45
N ILE A 148 -15.79 -32.89 15.88
CA ILE A 148 -15.25 -31.93 16.83
C ILE A 148 -13.97 -31.29 16.28
N LEU A 149 -14.02 -29.96 16.16
CA LEU A 149 -12.87 -29.18 15.79
C LEU A 149 -12.22 -28.61 17.04
N ILE A 150 -10.91 -28.88 17.21
CA ILE A 150 -10.15 -28.32 18.30
C ILE A 150 -9.37 -27.14 17.70
N ALA A 151 -9.80 -25.92 18.04
CA ALA A 151 -9.18 -24.69 17.50
C ALA A 151 -8.88 -23.78 18.68
N THR A 152 -8.03 -24.31 19.56
CA THR A 152 -7.75 -23.68 20.84
C THR A 152 -6.59 -22.72 20.88
N GLY A 153 -5.87 -22.59 19.76
CA GLY A 153 -4.80 -21.63 19.71
C GLY A 153 -3.65 -21.91 20.65
N GLY A 154 -3.00 -20.83 21.05
CA GLY A 154 -1.88 -20.87 21.95
C GLY A 154 -1.88 -19.74 22.95
N ARG A 155 -0.73 -19.53 23.59
N ARG A 155 -0.72 -19.49 23.54
CA ARG A 155 -0.55 -18.49 24.59
CA ARG A 155 -0.56 -18.45 24.55
C ARG A 155 0.93 -18.12 24.68
C ARG A 155 0.93 -18.11 24.65
N PRO A 156 1.26 -16.95 25.24
CA PRO A 156 2.66 -16.59 25.38
C PRO A 156 3.46 -17.52 26.28
N SER A 157 4.73 -17.73 25.96
CA SER A 157 5.66 -18.52 26.77
C SER A 157 6.47 -17.56 27.64
N HIS A 158 7.01 -18.07 28.74
CA HIS A 158 7.83 -17.26 29.64
C HIS A 158 9.09 -18.03 29.96
N PRO A 159 10.21 -17.32 30.10
CA PRO A 159 11.47 -17.99 30.41
C PRO A 159 11.55 -18.42 31.87
N ASP A 160 12.32 -19.46 32.13
CA ASP A 160 12.55 -19.93 33.49
C ASP A 160 13.90 -19.39 33.96
N ILE A 161 13.92 -18.11 34.33
CA ILE A 161 15.12 -17.49 34.90
C ILE A 161 14.72 -16.71 36.13
N PRO A 162 15.69 -16.39 37.01
CA PRO A 162 15.36 -15.59 38.19
C PRO A 162 14.77 -14.23 37.83
N GLY A 163 13.67 -13.87 38.47
CA GLY A 163 13.01 -12.60 38.21
C GLY A 163 12.13 -12.55 36.97
N ALA A 164 11.93 -13.69 36.31
CA ALA A 164 11.10 -13.71 35.10
C ALA A 164 9.70 -13.15 35.37
N GLU A 165 9.21 -13.38 36.59
CA GLU A 165 7.88 -12.92 36.97
C GLU A 165 7.71 -11.41 36.99
N TYR A 166 8.82 -10.66 36.96
CA TYR A 166 8.73 -9.20 36.91
C TYR A 166 8.42 -8.74 35.49
N GLY A 167 8.59 -9.62 34.51
CA GLY A 167 8.25 -9.29 33.14
C GLY A 167 6.80 -9.60 32.83
N ILE A 168 6.31 -8.95 31.79
CA ILE A 168 4.97 -9.20 31.25
C ILE A 168 5.17 -9.81 29.86
N ASP A 169 4.09 -10.24 29.23
CA ASP A 169 4.17 -10.81 27.88
C ASP A 169 3.32 -9.96 26.95
N SER A 170 3.06 -10.43 25.74
CA SER A 170 2.30 -9.60 24.80
C SER A 170 0.88 -9.31 25.31
N ASP A 171 0.26 -10.23 26.04
CA ASP A 171 -1.06 -9.96 26.61
C ASP A 171 -0.91 -8.79 27.58
N GLY A 172 0.15 -8.81 28.36
CA GLY A 172 0.43 -7.72 29.32
C GLY A 172 0.65 -6.38 28.63
N PHE A 173 1.26 -6.41 27.45
CA PHE A 173 1.47 -5.18 26.67
C PHE A 173 0.13 -4.51 26.38
N PHE A 174 -0.87 -5.30 25.99
CA PHE A 174 -2.19 -4.77 25.70
C PHE A 174 -2.94 -4.33 26.96
N GLU A 175 -2.48 -4.79 28.12
CA GLU A 175 -3.09 -4.39 29.42
C GLU A 175 -2.44 -3.11 30.00
N LEU A 176 -1.33 -2.64 29.43
CA LEU A 176 -0.71 -1.42 29.91
C LEU A 176 -1.71 -0.27 29.85
N ASP A 177 -1.80 0.48 30.94
CA ASP A 177 -2.75 1.59 31.04
C ASP A 177 -2.04 2.95 31.12
N GLU A 178 -0.73 2.97 30.92
CA GLU A 178 -0.01 4.21 30.82
C GLU A 178 1.18 3.99 29.89
N MET A 179 1.65 5.08 29.31
CA MET A 179 2.78 5.11 28.40
C MET A 179 4.05 4.75 29.17
N PRO A 180 4.68 3.63 28.85
CA PRO A 180 5.93 3.28 29.58
C PRO A 180 7.09 4.22 29.17
N LYS A 181 7.94 4.55 30.13
CA LYS A 181 9.05 5.46 29.86
C LYS A 181 10.27 4.75 29.28
N ARG A 182 10.62 3.60 29.87
CA ARG A 182 11.77 2.78 29.44
C ARG A 182 11.30 1.35 29.42
N VAL A 183 11.48 0.65 28.29
N VAL A 183 11.53 0.64 28.32
CA VAL A 183 11.02 -0.75 28.15
CA VAL A 183 11.09 -0.74 28.21
C VAL A 183 12.05 -1.65 27.48
C VAL A 183 12.16 -1.61 27.59
N ALA A 184 12.21 -2.86 28.02
CA ALA A 184 13.05 -3.90 27.43
C ALA A 184 12.08 -4.89 26.77
N VAL A 185 12.30 -5.19 25.49
CA VAL A 185 11.51 -6.20 24.76
C VAL A 185 12.50 -7.29 24.43
N VAL A 186 12.16 -8.52 24.79
CA VAL A 186 13.04 -9.67 24.62
C VAL A 186 12.43 -10.64 23.64
N GLY A 187 13.14 -10.90 22.54
CA GLY A 187 12.64 -11.82 21.53
C GLY A 187 13.12 -11.40 20.16
N ALA A 188 12.97 -12.32 19.21
CA ALA A 188 13.51 -12.11 17.87
C ALA A 188 12.54 -12.41 16.75
N GLY A 189 11.28 -12.59 17.10
CA GLY A 189 10.25 -12.82 16.11
C GLY A 189 9.45 -11.57 15.80
N TYR A 190 8.41 -11.74 14.99
CA TYR A 190 7.64 -10.59 14.57
C TYR A 190 6.97 -9.88 15.74
N ILE A 191 6.55 -10.61 16.78
CA ILE A 191 5.88 -9.97 17.91
C ILE A 191 6.83 -9.02 18.62
N ALA A 192 8.03 -9.48 18.92
CA ALA A 192 9.02 -8.61 19.57
C ALA A 192 9.35 -7.39 18.73
N VAL A 193 9.57 -7.63 17.44
CA VAL A 193 9.92 -6.53 16.54
C VAL A 193 8.81 -5.48 16.46
N GLU A 194 7.58 -5.95 16.35
CA GLU A 194 6.43 -5.05 16.26
C GLU A 194 6.23 -4.24 17.52
N ILE A 195 6.26 -4.90 18.67
CA ILE A 195 6.06 -4.22 19.93
C ILE A 195 7.15 -3.17 20.16
N ALA A 196 8.41 -3.58 19.94
CA ALA A 196 9.55 -2.66 20.11
C ALA A 196 9.42 -1.47 19.16
N GLY A 197 8.95 -1.70 17.94
CA GLY A 197 8.84 -0.61 16.99
C GLY A 197 7.77 0.38 17.35
N VAL A 198 6.66 -0.15 17.85
CA VAL A 198 5.53 0.67 18.28
C VAL A 198 5.94 1.55 19.46
N LEU A 199 6.54 0.93 20.47
CA LEU A 199 6.97 1.69 21.65
C LEU A 199 8.01 2.73 21.28
N ASN A 200 8.94 2.36 20.41
CA ASN A 200 9.95 3.33 19.99
C ASN A 200 9.34 4.52 19.26
N GLY A 201 8.37 4.23 18.39
CA GLY A 201 7.72 5.28 17.61
C GLY A 201 6.90 6.22 18.49
N LEU A 202 6.33 5.68 19.56
CA LEU A 202 5.53 6.49 20.48
C LEU A 202 6.37 7.35 21.44
N GLY A 203 7.65 7.04 21.57
CA GLY A 203 8.55 7.83 22.40
C GLY A 203 9.15 7.13 23.62
N THR A 204 8.81 5.88 23.84
CA THR A 204 9.38 5.11 24.94
C THR A 204 10.85 4.86 24.63
N GLU A 205 11.74 4.94 25.63
CA GLU A 205 13.14 4.56 25.44
C GLU A 205 13.08 3.03 25.35
N THR A 206 13.31 2.49 24.17
CA THR A 206 13.06 1.09 23.90
C THR A 206 14.31 0.33 23.53
N HIS A 207 14.47 -0.85 24.15
CA HIS A 207 15.59 -1.75 23.95
C HIS A 207 15.05 -3.09 23.51
N LEU A 208 15.61 -3.64 22.44
CA LEU A 208 15.22 -4.93 21.91
C LEU A 208 16.40 -5.87 22.06
N PHE A 209 16.18 -7.03 22.68
CA PHE A 209 17.23 -8.02 22.96
C PHE A 209 17.02 -9.30 22.20
N VAL A 210 17.97 -9.62 21.31
CA VAL A 210 17.93 -10.83 20.50
C VAL A 210 19.14 -11.70 20.86
N ARG A 211 18.94 -13.02 20.81
CA ARG A 211 19.98 -13.97 21.20
C ARG A 211 21.14 -14.11 20.25
N LYS A 212 20.89 -13.86 18.97
CA LYS A 212 21.90 -14.03 17.93
C LYS A 212 22.22 -12.72 17.22
N HIS A 213 22.41 -12.73 15.90
N HIS A 213 22.42 -12.72 15.90
CA HIS A 213 22.87 -11.52 15.21
CA HIS A 213 22.84 -11.50 15.19
C HIS A 213 21.80 -10.50 14.85
C HIS A 213 21.78 -10.47 14.95
N ALA A 214 20.53 -10.91 14.83
CA ALA A 214 19.47 -10.01 14.45
C ALA A 214 18.11 -10.60 14.76
N PRO A 215 17.09 -9.74 14.79
CA PRO A 215 15.75 -10.29 14.83
C PRO A 215 15.41 -10.81 13.42
N LEU A 216 14.36 -11.63 13.32
CA LEU A 216 13.90 -12.18 12.02
C LEU A 216 15.10 -12.74 11.26
N ARG A 217 15.98 -13.42 11.98
N ARG A 217 15.96 -13.44 12.00
CA ARG A 217 17.26 -13.82 11.40
CA ARG A 217 17.25 -13.92 11.49
C ARG A 217 17.22 -14.73 10.19
C ARG A 217 17.26 -14.85 10.29
N THR A 218 16.14 -15.48 9.99
CA THR A 218 16.02 -16.37 8.82
C THR A 218 15.34 -15.67 7.61
N PHE A 219 14.92 -14.41 7.77
CA PHE A 219 14.34 -13.67 6.63
C PHE A 219 15.47 -13.40 5.64
N ASP A 220 15.13 -12.95 4.45
CA ASP A 220 16.19 -12.71 3.47
C ASP A 220 17.23 -11.70 4.00
N PRO A 221 18.52 -11.95 3.76
CA PRO A 221 19.53 -11.00 4.28
C PRO A 221 19.35 -9.55 3.90
N LEU A 222 18.79 -9.28 2.72
N LEU A 222 18.82 -9.27 2.72
CA LEU A 222 18.50 -7.90 2.30
CA LEU A 222 18.56 -7.88 2.31
C LEU A 222 17.59 -7.24 3.32
C LEU A 222 17.54 -7.21 3.24
N ILE A 223 16.56 -7.97 3.70
CA ILE A 223 15.56 -7.48 4.65
C ILE A 223 16.16 -7.31 6.01
N VAL A 224 16.83 -8.36 6.49
CA VAL A 224 17.44 -8.32 7.84
C VAL A 224 18.40 -7.15 7.98
N GLU A 225 19.30 -6.96 7.02
CA GLU A 225 20.29 -5.90 7.13
C GLU A 225 19.67 -4.51 7.01
N THR A 226 18.60 -4.37 6.23
CA THR A 226 17.94 -3.07 6.13
C THR A 226 17.23 -2.75 7.46
N LEU A 227 16.62 -3.76 8.08
CA LEU A 227 15.95 -3.55 9.36
C LEU A 227 17.00 -3.11 10.41
N LEU A 228 18.14 -3.78 10.40
CA LEU A 228 19.21 -3.38 11.35
C LEU A 228 19.64 -1.95 11.10
N GLU A 229 19.77 -1.56 9.84
CA GLU A 229 20.18 -0.21 9.50
C GLU A 229 19.19 0.80 10.06
N VAL A 230 17.90 0.53 9.87
CA VAL A 230 16.87 1.45 10.37
C VAL A 230 16.83 1.50 11.89
N MET A 231 16.88 0.36 12.56
CA MET A 231 16.89 0.33 14.02
C MET A 231 18.10 1.10 14.57
N ASN A 232 19.25 0.95 13.90
N ASN A 232 19.26 0.97 13.94
CA ASN A 232 20.48 1.60 14.32
CA ASN A 232 20.41 1.72 14.43
C ASN A 232 20.51 3.13 14.09
C ASN A 232 20.14 3.21 14.40
N THR A 233 19.56 3.65 13.30
CA THR A 233 19.36 5.08 13.07
C THR A 233 18.24 5.66 13.93
N GLU A 234 17.11 4.98 13.99
CA GLU A 234 15.89 5.55 14.60
C GLU A 234 15.40 4.88 15.86
N GLY A 235 16.08 3.80 16.27
CA GLY A 235 15.63 2.98 17.40
C GLY A 235 14.68 1.91 16.87
N PRO A 236 14.32 0.92 17.71
CA PRO A 236 14.79 0.77 19.09
C PRO A 236 16.27 0.42 19.18
N LYS A 237 16.84 0.55 20.36
CA LYS A 237 18.24 0.17 20.54
C LYS A 237 18.31 -1.36 20.53
N LEU A 238 19.04 -1.91 19.58
CA LEU A 238 19.16 -3.35 19.44
C LEU A 238 20.38 -3.86 20.18
N HIS A 239 20.17 -4.89 20.99
CA HIS A 239 21.22 -5.56 21.74
C HIS A 239 21.24 -6.99 21.19
N THR A 240 22.33 -7.35 20.51
CA THR A 240 22.46 -8.65 19.89
C THR A 240 23.32 -9.58 20.75
N GLU A 241 23.31 -10.87 20.38
N GLU A 241 23.35 -10.86 20.41
CA GLU A 241 24.01 -11.94 21.13
CA GLU A 241 24.14 -11.82 21.21
C GLU A 241 23.73 -11.75 22.64
C GLU A 241 23.77 -11.59 22.67
N SER A 242 22.47 -11.43 22.92
CA SER A 242 21.96 -11.10 24.25
C SER A 242 21.01 -12.14 24.78
N VAL A 243 21.49 -12.96 25.71
CA VAL A 243 20.72 -14.03 26.31
C VAL A 243 20.36 -13.61 27.75
N PRO A 244 19.06 -13.53 28.07
CA PRO A 244 18.66 -13.14 29.43
C PRO A 244 19.15 -14.11 30.50
N LYS A 245 19.73 -13.57 31.56
CA LYS A 245 20.25 -14.35 32.66
C LYS A 245 19.35 -14.24 33.88
N ALA A 246 18.95 -13.01 34.20
CA ALA A 246 18.11 -12.74 35.34
C ALA A 246 17.52 -11.35 35.23
N VAL A 247 16.44 -11.11 35.97
CA VAL A 247 15.83 -9.79 36.08
C VAL A 247 15.85 -9.44 37.58
N ILE A 248 16.42 -8.29 37.90
CA ILE A 248 16.53 -7.82 39.28
C ILE A 248 15.57 -6.68 39.51
N LYS A 249 14.81 -6.70 40.61
CA LYS A 249 13.96 -5.57 40.93
C LYS A 249 14.75 -4.69 41.90
N ASN A 250 14.99 -3.44 41.49
CA ASN A 250 15.76 -2.49 42.29
C ASN A 250 14.89 -1.82 43.36
N ALA A 251 15.54 -1.16 44.32
CA ALA A 251 14.83 -0.50 45.43
C ALA A 251 13.83 0.56 44.96
N ASP A 252 14.16 1.26 43.87
CA ASP A 252 13.25 2.30 43.34
C ASP A 252 12.10 1.76 42.49
N GLY A 253 11.97 0.43 42.38
CA GLY A 253 10.92 -0.19 41.59
C GLY A 253 11.32 -0.51 40.15
N SER A 254 12.47 0.01 39.71
CA SER A 254 12.91 -0.28 38.34
C SER A 254 13.40 -1.73 38.23
N LEU A 255 13.55 -2.19 36.99
CA LEU A 255 14.00 -3.54 36.69
C LEU A 255 15.33 -3.50 35.97
N THR A 256 16.25 -4.37 36.35
CA THR A 256 17.52 -4.47 35.61
C THR A 256 17.58 -5.86 34.97
N LEU A 257 17.63 -5.88 33.65
CA LEU A 257 17.80 -7.11 32.90
C LEU A 257 19.28 -7.37 32.80
N GLN A 258 19.72 -8.53 33.32
CA GLN A 258 21.11 -8.97 33.24
C GLN A 258 21.20 -10.00 32.13
N LEU A 259 22.15 -9.82 31.22
N LEU A 259 22.18 -9.81 31.25
CA LEU A 259 22.36 -10.77 30.14
CA LEU A 259 22.41 -10.69 30.13
C LEU A 259 23.58 -11.64 30.46
C LEU A 259 23.59 -11.60 30.47
N GLU A 260 23.65 -12.81 29.82
N GLU A 260 23.64 -12.77 29.82
CA GLU A 260 24.75 -13.75 30.06
CA GLU A 260 24.73 -13.70 30.07
C GLU A 260 26.12 -13.22 29.67
C GLU A 260 26.08 -13.08 29.81
N ASN A 261 26.17 -12.21 28.80
CA ASN A 261 27.46 -11.59 28.40
C ASN A 261 27.96 -10.51 29.36
N GLY A 262 27.25 -10.32 30.47
CA GLY A 262 27.65 -9.33 31.47
C GLY A 262 27.02 -7.94 31.32
N THR A 263 26.31 -7.71 30.22
N THR A 263 26.35 -7.69 30.20
CA THR A 263 25.64 -6.43 30.02
CA THR A 263 25.70 -6.40 30.03
C THR A 263 24.35 -6.38 30.82
C THR A 263 24.41 -6.36 30.83
N GLU A 264 23.99 -5.17 31.26
N GLU A 264 24.01 -5.13 31.16
CA GLU A 264 22.74 -4.98 31.97
CA GLU A 264 22.81 -4.90 31.92
C GLU A 264 22.13 -3.64 31.58
C GLU A 264 22.11 -3.68 31.34
N VAL A 265 20.80 -3.64 31.48
CA VAL A 265 20.01 -2.49 31.07
C VAL A 265 18.89 -2.33 32.10
N THR A 266 18.67 -1.09 32.54
CA THR A 266 17.63 -0.80 33.53
C THR A 266 16.44 -0.13 32.85
N VAL A 267 15.26 -0.64 33.14
CA VAL A 267 14.01 -0.19 32.49
C VAL A 267 12.89 -0.20 33.51
N ASP A 268 11.73 0.30 33.12
CA ASP A 268 10.56 0.33 33.99
C ASP A 268 9.68 -0.90 33.77
N HIS A 269 9.69 -1.43 32.55
CA HIS A 269 8.87 -2.59 32.19
C HIS A 269 9.67 -3.49 31.25
N LEU A 270 9.42 -4.78 31.35
CA LEU A 270 10.10 -5.77 30.53
C LEU A 270 9.04 -6.66 29.91
N ILE A 271 9.11 -6.80 28.59
CA ILE A 271 8.16 -7.61 27.86
C ILE A 271 8.83 -8.83 27.25
N TRP A 272 8.41 -10.00 27.68
CA TRP A 272 8.87 -11.26 27.11
C TRP A 272 8.08 -11.52 25.84
N ALA A 273 8.78 -11.66 24.72
CA ALA A 273 8.16 -11.99 23.42
C ALA A 273 9.06 -13.03 22.75
N ILE A 274 9.38 -14.07 23.54
N ILE A 274 9.40 -14.07 23.50
CA ILE A 274 10.33 -15.15 23.16
CA ILE A 274 10.30 -15.08 22.98
C ILE A 274 9.70 -16.38 22.52
C ILE A 274 9.57 -16.10 22.12
N GLY A 275 8.38 -16.47 22.54
CA GLY A 275 7.64 -17.52 21.85
C GLY A 275 6.26 -17.72 22.40
N ARG A 276 5.57 -18.69 21.82
CA ARG A 276 4.24 -19.09 22.23
C ARG A 276 4.20 -20.60 22.35
N GLU A 277 3.16 -21.07 23.00
CA GLU A 277 2.99 -22.50 23.23
C GLU A 277 1.51 -22.84 23.04
N PRO A 278 1.21 -24.06 22.60
CA PRO A 278 -0.17 -24.44 22.27
C PRO A 278 -1.07 -24.72 23.47
N ALA A 279 -2.33 -24.32 23.35
CA ALA A 279 -3.32 -24.54 24.42
C ALA A 279 -3.94 -25.93 24.23
N THR A 280 -3.14 -26.94 24.52
CA THR A 280 -3.56 -28.32 24.36
C THR A 280 -3.33 -29.13 25.61
N ASP A 281 -2.96 -28.47 26.69
CA ASP A 281 -2.58 -29.13 27.95
C ASP A 281 -3.59 -29.17 29.08
N ASN A 282 -4.65 -28.38 29.02
CA ASN A 282 -5.59 -28.33 30.12
C ASN A 282 -6.99 -28.76 29.76
N LEU A 283 -7.17 -29.38 28.58
CA LEU A 283 -8.51 -29.78 28.17
C LEU A 283 -8.77 -31.30 28.21
N ASN A 284 -7.93 -32.01 28.95
CA ASN A 284 -8.06 -33.46 29.12
C ASN A 284 -7.99 -34.16 27.78
N LEU A 285 -7.11 -33.67 26.92
CA LEU A 285 -6.95 -34.27 25.58
C LEU A 285 -6.53 -35.74 25.65
N SER A 286 -5.87 -36.14 26.74
CA SER A 286 -5.41 -37.51 26.87
C SER A 286 -6.52 -38.57 26.66
N VAL A 287 -7.75 -38.26 27.06
CA VAL A 287 -8.82 -39.25 26.91
C VAL A 287 -9.26 -39.49 25.46
N THR A 288 -8.90 -38.59 24.55
CA THR A 288 -9.30 -38.68 23.14
C THR A 288 -8.39 -39.53 22.28
N GLY A 289 -7.17 -39.79 22.74
CA GLY A 289 -6.19 -40.50 21.91
C GLY A 289 -5.56 -39.64 20.82
N VAL A 290 -5.91 -38.35 20.77
CA VAL A 290 -5.32 -37.45 19.75
C VAL A 290 -3.82 -37.30 19.96
N LYS A 291 -3.05 -37.47 18.89
CA LYS A 291 -1.60 -37.37 18.96
C LYS A 291 -1.10 -35.93 18.91
N THR A 292 -0.12 -35.65 19.75
CA THR A 292 0.55 -34.36 19.78
C THR A 292 2.04 -34.63 19.67
N ASN A 293 2.78 -33.63 19.18
CA ASN A 293 4.23 -33.75 19.08
C ASN A 293 4.86 -33.41 20.43
N ASP A 294 6.19 -33.40 20.50
CA ASP A 294 6.88 -33.14 21.78
C ASP A 294 6.60 -31.78 22.40
N LYS A 295 6.24 -30.80 21.57
CA LYS A 295 5.95 -29.45 22.03
C LYS A 295 4.45 -29.23 22.34
N GLY A 296 3.62 -30.27 22.17
CA GLY A 296 2.19 -30.15 22.46
C GLY A 296 1.28 -29.80 21.31
N TYR A 297 1.84 -29.67 20.10
CA TYR A 297 1.01 -29.32 18.96
C TYR A 297 0.27 -30.54 18.46
N ILE A 298 -1.00 -30.36 18.11
CA ILE A 298 -1.82 -31.44 17.58
C ILE A 298 -1.37 -31.73 16.16
N GLU A 299 -1.13 -32.99 15.87
N GLU A 299 -1.08 -32.99 15.88
CA GLU A 299 -0.68 -33.42 14.55
CA GLU A 299 -0.67 -33.40 14.54
C GLU A 299 -1.87 -33.61 13.63
C GLU A 299 -1.90 -33.49 13.67
N VAL A 300 -1.75 -33.03 12.43
CA VAL A 300 -2.84 -33.13 11.44
C VAL A 300 -2.30 -33.50 10.07
N ASP A 301 -3.18 -34.11 9.28
CA ASP A 301 -2.89 -34.43 7.88
C ASP A 301 -3.26 -33.21 7.01
N LYS A 302 -3.18 -33.37 5.69
CA LYS A 302 -3.44 -32.23 4.80
C LYS A 302 -4.89 -31.74 4.86
N PHE A 303 -5.77 -32.56 5.44
CA PHE A 303 -7.20 -32.24 5.54
C PHE A 303 -7.62 -31.84 6.94
N GLN A 304 -6.62 -31.53 7.78
CA GLN A 304 -6.85 -31.12 9.16
C GLN A 304 -7.37 -32.25 10.07
N ASN A 305 -7.28 -33.50 9.61
CA ASN A 305 -7.67 -34.62 10.45
C ASN A 305 -6.60 -34.94 11.48
N THR A 306 -7.03 -35.19 12.71
CA THR A 306 -6.14 -35.78 13.72
C THR A 306 -6.10 -37.28 13.42
N ASN A 307 -5.43 -38.05 14.27
CA ASN A 307 -5.42 -39.51 14.09
C ASN A 307 -6.73 -40.17 14.56
N VAL A 308 -7.64 -39.41 15.13
CA VAL A 308 -8.89 -39.93 15.66
C VAL A 308 -10.07 -39.50 14.79
N LYS A 309 -10.82 -40.49 14.32
CA LYS A 309 -11.96 -40.23 13.46
C LYS A 309 -12.92 -39.26 14.11
N GLY A 310 -13.31 -38.22 13.37
CA GLY A 310 -14.25 -37.24 13.89
C GLY A 310 -13.65 -36.10 14.69
N ILE A 311 -12.32 -36.05 14.81
CA ILE A 311 -11.65 -34.96 15.52
C ILE A 311 -10.66 -34.30 14.58
N TYR A 312 -10.74 -32.97 14.50
CA TYR A 312 -9.92 -32.17 13.58
C TYR A 312 -9.26 -31.07 14.39
N ALA A 313 -8.25 -30.44 13.81
CA ALA A 313 -7.61 -29.28 14.43
C ALA A 313 -7.17 -28.32 13.35
N VAL A 314 -7.29 -27.02 13.63
N VAL A 314 -7.26 -27.03 13.67
CA VAL A 314 -6.77 -25.98 12.74
CA VAL A 314 -6.93 -25.94 12.76
C VAL A 314 -6.16 -24.90 13.59
C VAL A 314 -6.31 -24.79 13.54
N GLY A 315 -5.32 -24.11 12.95
CA GLY A 315 -4.72 -22.95 13.57
C GLY A 315 -3.48 -23.14 14.40
N ASP A 316 -3.27 -22.20 15.32
CA ASP A 316 -2.03 -22.16 16.10
C ASP A 316 -1.75 -23.40 16.93
N ASN A 317 -2.79 -24.15 17.33
CA ASN A 317 -2.55 -25.36 18.11
C ASN A 317 -1.95 -26.50 17.30
N THR A 318 -1.87 -26.36 15.96
N THR A 318 -1.72 -26.28 16.00
CA THR A 318 -1.35 -27.43 15.10
CA THR A 318 -1.03 -27.25 15.13
C THR A 318 0.14 -27.31 14.75
C THR A 318 0.40 -26.74 14.86
N GLY A 319 0.79 -26.27 15.24
N GLY A 319 0.64 -25.46 15.16
CA GLY A 319 2.24 -26.11 15.04
CA GLY A 319 1.98 -24.87 14.99
C GLY A 319 2.72 -25.61 13.69
C GLY A 319 2.41 -24.73 13.55
N VAL A 320 1.87 -24.97 12.92
N VAL A 320 1.44 -24.74 12.64
CA VAL A 320 2.36 -24.47 11.64
CA VAL A 320 1.74 -24.61 11.22
C VAL A 320 2.15 -22.96 11.53
C VAL A 320 1.46 -23.19 10.75
N VAL A 321 2.18 -22.44 10.28
N VAL A 321 2.51 -22.36 10.81
CA VAL A 321 1.99 -21.03 9.93
CA VAL A 321 2.45 -20.93 10.51
C VAL A 321 0.96 -20.31 10.80
C VAL A 321 1.34 -20.30 11.34
N GLU A 322 1.44 -19.80 11.93
N GLU A 322 1.72 -19.45 12.28
CA GLU A 322 0.61 -19.14 12.96
CA GLU A 322 0.70 -18.89 13.15
C GLU A 322 0.18 -17.71 12.57
C GLU A 322 0.17 -17.57 12.60
N LEU A 323 -0.81 -17.67 11.70
CA LEU A 323 -1.42 -16.47 11.13
C LEU A 323 -2.93 -16.63 11.09
N THR A 324 -3.63 -15.52 11.24
CA THR A 324 -5.09 -15.56 11.22
C THR A 324 -5.71 -16.07 9.91
N PRO A 325 -5.24 -15.59 8.76
CA PRO A 325 -5.89 -16.07 7.53
C PRO A 325 -5.72 -17.56 7.25
N VAL A 326 -4.66 -18.14 7.80
CA VAL A 326 -4.39 -19.54 7.64
C VAL A 326 -5.41 -20.33 8.47
N ALA A 327 -5.60 -19.93 9.72
CA ALA A 327 -6.60 -20.55 10.57
C ALA A 327 -8.00 -20.43 9.96
N VAL A 328 -8.30 -19.25 9.45
CA VAL A 328 -9.61 -18.99 8.85
C VAL A 328 -9.84 -19.86 7.61
N ALA A 329 -8.88 -19.84 6.69
CA ALA A 329 -9.01 -20.61 5.45
C ALA A 329 -9.03 -22.11 5.72
N ALA A 330 -8.19 -22.58 6.63
CA ALA A 330 -8.21 -24.02 6.95
C ALA A 330 -9.54 -24.43 7.54
N GLY A 331 -10.10 -23.58 8.41
CA GLY A 331 -11.38 -23.84 9.05
C GLY A 331 -12.54 -23.86 8.08
N ARG A 332 -12.55 -22.90 7.16
CA ARG A 332 -13.61 -22.83 6.14
C ARG A 332 -13.53 -24.00 5.17
N ARG A 333 -12.33 -24.32 4.71
CA ARG A 333 -12.16 -25.43 3.76
C ARG A 333 -12.51 -26.75 4.41
N LEU A 334 -12.23 -26.88 5.71
CA LEU A 334 -12.60 -28.08 6.45
C LEU A 334 -14.13 -28.26 6.43
N SER A 335 -14.85 -27.18 6.70
CA SER A 335 -16.31 -27.25 6.68
C SER A 335 -16.86 -27.53 5.30
N GLU A 336 -16.21 -27.00 4.26
CA GLU A 336 -16.59 -27.31 2.89
C GLU A 336 -16.44 -28.82 2.64
N ARG A 337 -15.31 -29.36 3.10
CA ARG A 337 -15.05 -30.78 2.91
C ARG A 337 -16.04 -31.68 3.62
N LEU A 338 -16.22 -31.42 4.90
CA LEU A 338 -17.11 -32.25 5.72
C LEU A 338 -18.58 -32.10 5.40
N PHE A 339 -19.00 -30.90 5.06
CA PHE A 339 -20.43 -30.61 4.98
C PHE A 339 -20.97 -30.11 3.66
N ASN A 340 -20.11 -29.91 2.67
CA ASN A 340 -20.57 -29.48 1.36
C ASN A 340 -20.06 -30.41 0.25
N ASN A 341 -19.84 -31.68 0.59
CA ASN A 341 -19.51 -32.73 -0.38
C ASN A 341 -18.34 -32.44 -1.31
N LYS A 342 -17.27 -31.94 -0.72
CA LYS A 342 -16.01 -31.64 -1.41
C LYS A 342 -14.90 -32.43 -0.71
N PRO A 343 -14.87 -33.76 -0.93
CA PRO A 343 -13.94 -34.62 -0.17
C PRO A 343 -12.47 -34.29 -0.26
N ASP A 344 -12.04 -33.56 -1.29
CA ASP A 344 -10.63 -33.20 -1.42
C ASP A 344 -10.33 -31.76 -1.00
N GLU A 345 -11.34 -31.01 -0.56
CA GLU A 345 -11.09 -29.61 -0.22
C GLU A 345 -10.08 -29.49 0.92
N HIS A 346 -9.09 -28.62 0.74
CA HIS A 346 -8.06 -28.42 1.76
C HIS A 346 -7.34 -27.13 1.46
N LEU A 347 -6.58 -26.66 2.44
CA LEU A 347 -5.78 -25.45 2.26
C LEU A 347 -4.40 -25.79 1.73
N ASP A 348 -3.97 -25.02 0.73
CA ASP A 348 -2.62 -25.08 0.19
C ASP A 348 -1.77 -24.17 1.09
N TYR A 349 -0.79 -24.74 1.81
CA TYR A 349 0.08 -23.99 2.73
C TYR A 349 1.34 -23.45 2.06
N SER A 350 1.46 -23.61 0.75
CA SER A 350 2.65 -23.11 0.05
C SER A 350 2.49 -21.63 -0.34
N ASN A 351 3.59 -20.89 -0.26
CA ASN A 351 3.62 -19.51 -0.70
C ASN A 351 2.56 -18.63 -0.05
N ILE A 352 2.48 -18.74 1.25
CA ILE A 352 1.58 -17.87 2.01
C ILE A 352 2.34 -16.58 2.27
N PRO A 353 1.72 -15.43 1.97
CA PRO A 353 2.40 -14.16 2.24
C PRO A 353 2.29 -13.73 3.68
N THR A 354 3.35 -13.07 4.16
N THR A 354 3.29 -12.98 4.14
CA THR A 354 3.48 -12.54 5.53
CA THR A 354 3.26 -12.43 5.48
C THR A 354 3.88 -11.07 5.49
C THR A 354 3.86 -11.06 5.51
N VAL A 355 3.27 -10.24 6.36
CA VAL A 355 3.72 -8.88 6.60
C VAL A 355 4.12 -8.78 8.07
N VAL A 356 5.23 -8.10 8.34
CA VAL A 356 5.64 -7.76 9.69
C VAL A 356 5.48 -6.25 9.79
N PHE A 357 4.74 -5.82 10.79
CA PHE A 357 4.50 -4.40 11.04
C PHE A 357 5.62 -3.73 11.84
N SER A 358 6.81 -3.91 11.31
CA SER A 358 7.99 -3.28 11.81
C SER A 358 8.01 -1.87 11.27
N HIS A 359 9.05 -1.13 11.68
CA HIS A 359 9.31 0.19 11.19
C HIS A 359 10.62 0.06 10.39
N PRO A 360 10.58 0.10 9.03
CA PRO A 360 9.33 0.18 8.27
C PRO A 360 8.83 -1.25 8.04
N PRO A 361 7.62 -1.40 7.50
CA PRO A 361 7.11 -2.77 7.38
C PRO A 361 7.83 -3.65 6.37
N ILE A 362 7.69 -4.94 6.59
CA ILE A 362 8.29 -5.97 5.77
C ILE A 362 7.20 -6.81 5.16
N GLY A 363 7.38 -7.16 3.90
CA GLY A 363 6.50 -8.12 3.23
C GLY A 363 7.34 -9.20 2.62
N THR A 364 6.95 -10.46 2.79
CA THR A 364 7.69 -11.56 2.23
C THR A 364 6.81 -12.73 1.81
N ILE A 365 7.20 -13.36 0.70
N ILE A 365 7.20 -13.40 0.73
CA ILE A 365 6.54 -14.55 0.19
CA ILE A 365 6.48 -14.60 0.28
C ILE A 365 7.62 -15.46 -0.38
C ILE A 365 7.47 -15.47 -0.48
N GLY A 366 7.46 -16.76 -0.19
CA GLY A 366 8.36 -17.71 -0.81
C GLY A 366 9.77 -17.77 -0.28
N LEU A 367 10.67 -18.19 -1.15
CA LEU A 367 12.03 -18.46 -0.78
C LEU A 367 12.92 -17.24 -0.70
N THR A 368 13.76 -17.23 0.33
CA THR A 368 14.82 -16.24 0.42
C THR A 368 15.89 -16.60 -0.62
N GLU A 369 16.79 -15.65 -0.90
CA GLU A 369 17.89 -15.95 -1.83
C GLU A 369 18.73 -17.15 -1.37
N PRO A 370 19.15 -17.20 -0.09
CA PRO A 370 19.91 -18.38 0.31
C PRO A 370 19.12 -19.69 0.20
N GLN A 371 17.83 -19.67 0.49
CA GLN A 371 17.02 -20.88 0.40
C GLN A 371 16.93 -21.35 -1.03
N ALA A 372 16.73 -20.41 -1.95
CA ALA A 372 16.61 -20.75 -3.37
C ALA A 372 17.93 -21.31 -3.91
N ARG A 373 19.06 -20.72 -3.53
CA ARG A 373 20.35 -21.20 -4.00
C ARG A 373 20.62 -22.61 -3.47
N GLU A 374 20.27 -22.85 -2.21
CA GLU A 374 20.48 -24.17 -1.60
C GLU A 374 19.61 -25.21 -2.28
N LYS A 375 18.37 -24.84 -2.55
CA LYS A 375 17.44 -25.79 -3.15
C LYS A 375 17.70 -26.09 -4.62
N PHE A 376 17.91 -25.06 -5.43
CA PHE A 376 18.03 -25.21 -6.86
C PHE A 376 19.41 -25.15 -7.45
N GLY A 377 20.40 -24.71 -6.66
CA GLY A 377 21.76 -24.54 -7.17
C GLY A 377 21.99 -23.12 -7.66
N ASP A 378 23.20 -22.59 -7.45
CA ASP A 378 23.51 -21.22 -7.86
C ASP A 378 23.24 -20.90 -9.31
N ASP A 379 23.55 -21.83 -10.21
CA ASP A 379 23.40 -21.58 -11.65
C ASP A 379 21.96 -21.47 -12.13
N GLN A 380 21.01 -21.86 -11.29
CA GLN A 380 19.61 -21.80 -11.63
C GLN A 380 18.92 -20.59 -11.02
N VAL A 381 19.63 -19.82 -10.20
CA VAL A 381 19.02 -18.68 -9.52
C VAL A 381 19.52 -17.34 -10.06
N LYS A 382 18.58 -16.41 -10.22
CA LYS A 382 18.85 -15.06 -10.66
C LYS A 382 18.09 -14.19 -9.68
N VAL A 383 18.76 -13.19 -9.14
CA VAL A 383 18.16 -12.27 -8.20
C VAL A 383 18.14 -10.84 -8.74
N TYR A 384 17.01 -10.17 -8.59
CA TYR A 384 16.88 -8.76 -8.93
C TYR A 384 16.64 -7.98 -7.64
N THR A 385 17.24 -6.81 -7.53
CA THR A 385 17.07 -5.99 -6.34
C THR A 385 16.89 -4.53 -6.68
N SER A 386 16.26 -3.81 -5.78
CA SER A 386 16.13 -2.37 -5.89
C SER A 386 16.36 -1.78 -4.50
N SER A 387 17.03 -0.63 -4.47
CA SER A 387 17.21 0.13 -3.24
C SER A 387 16.91 1.56 -3.56
N PHE A 388 16.07 2.18 -2.75
CA PHE A 388 15.67 3.56 -2.97
C PHE A 388 15.28 4.20 -1.67
N THR A 389 15.01 5.51 -1.70
CA THR A 389 14.61 6.20 -0.47
C THR A 389 13.14 6.43 -0.56
N ALA A 390 12.44 6.11 0.52
CA ALA A 390 11.01 6.29 0.57
C ALA A 390 10.66 7.76 0.29
N MET A 391 9.80 8.01 -0.68
CA MET A 391 9.48 9.40 -1.04
C MET A 391 8.95 10.24 0.16
N TYR A 392 8.15 9.61 1.00
CA TYR A 392 7.63 10.28 2.19
C TYR A 392 8.73 10.85 3.04
N SER A 393 9.84 10.13 3.12
CA SER A 393 10.95 10.57 3.97
C SER A 393 11.98 11.40 3.24
N ALA A 394 11.88 11.43 1.91
CA ALA A 394 12.93 12.08 1.07
C ALA A 394 13.12 13.57 1.25
N VAL A 395 12.08 14.30 1.64
CA VAL A 395 12.19 15.73 1.87
C VAL A 395 12.56 16.06 3.31
N THR A 396 12.81 15.04 4.12
CA THR A 396 13.05 15.24 5.55
C THR A 396 14.49 14.97 5.95
N GLN A 397 14.77 15.20 7.23
N GLN A 397 14.78 15.22 7.22
CA GLN A 397 16.09 14.93 7.81
CA GLN A 397 16.09 14.93 7.80
C GLN A 397 16.18 13.49 8.29
C GLN A 397 16.08 13.55 8.44
N HIS A 398 15.16 12.68 7.99
CA HIS A 398 15.05 11.31 8.45
C HIS A 398 14.75 10.40 7.26
N ARG A 399 15.64 10.45 6.29
CA ARG A 399 15.51 9.62 5.08
C ARG A 399 15.55 8.17 5.48
N GLN A 400 14.66 7.37 4.91
CA GLN A 400 14.57 5.96 5.24
C GLN A 400 14.68 5.11 4.00
N PRO A 401 15.47 4.04 4.06
CA PRO A 401 15.55 3.21 2.90
C PRO A 401 14.37 2.29 2.65
N CYS A 402 14.20 1.91 1.38
N CYS A 402 14.25 1.89 1.39
CA CYS A 402 13.24 0.88 0.96
CA CYS A 402 13.33 0.87 0.97
C CYS A 402 14.04 -0.06 0.06
C CYS A 402 14.23 -0.07 0.19
N ARG A 403 14.04 -1.36 0.36
CA ARG A 403 14.77 -2.33 -0.42
C ARG A 403 13.85 -3.47 -0.80
N MET A 404 14.00 -3.95 -2.03
CA MET A 404 13.15 -5.01 -2.57
C MET A 404 13.96 -6.04 -3.32
N LYS A 405 13.47 -7.27 -3.36
CA LYS A 405 14.17 -8.34 -4.02
C LYS A 405 13.19 -9.33 -4.66
N LEU A 406 13.52 -9.74 -5.89
CA LEU A 406 12.83 -10.83 -6.58
C LEU A 406 13.84 -11.98 -6.72
N VAL A 407 13.46 -13.18 -6.28
CA VAL A 407 14.31 -14.36 -6.37
C VAL A 407 13.71 -15.22 -7.49
N CYS A 408 14.49 -15.49 -8.54
CA CYS A 408 14.00 -16.19 -9.74
C CYS A 408 14.75 -17.48 -9.99
N VAL A 409 14.06 -18.46 -10.56
CA VAL A 409 14.64 -19.77 -10.83
C VAL A 409 14.36 -20.17 -12.26
N GLY A 410 15.38 -20.75 -12.90
CA GLY A 410 15.29 -21.24 -14.28
C GLY A 410 15.50 -20.21 -15.35
N ALA A 411 15.63 -20.68 -16.60
CA ALA A 411 15.85 -19.78 -17.71
C ALA A 411 14.67 -18.82 -17.92
N GLU A 412 13.45 -19.25 -17.57
CA GLU A 412 12.28 -18.37 -17.72
C GLU A 412 12.14 -17.40 -16.53
N GLU A 413 13.02 -17.53 -15.54
CA GLU A 413 13.02 -16.67 -14.37
C GLU A 413 11.67 -16.65 -13.64
N LYS A 414 11.23 -17.83 -13.27
CA LYS A 414 10.03 -17.98 -12.48
C LYS A 414 10.30 -17.35 -11.12
N ILE A 415 9.39 -16.50 -10.63
CA ILE A 415 9.59 -15.86 -9.33
C ILE A 415 9.20 -16.82 -8.23
N VAL A 416 10.17 -17.16 -7.38
CA VAL A 416 9.98 -18.07 -6.26
C VAL A 416 10.05 -17.38 -4.90
N GLY A 417 10.44 -16.10 -4.90
CA GLY A 417 10.45 -15.32 -3.67
C GLY A 417 10.33 -13.85 -3.98
N ILE A 418 9.56 -13.16 -3.14
CA ILE A 418 9.37 -11.71 -3.23
C ILE A 418 9.56 -11.16 -1.84
N HIS A 419 10.45 -10.16 -1.70
CA HIS A 419 10.77 -9.62 -0.38
C HIS A 419 10.91 -8.13 -0.45
N GLY A 420 10.34 -7.42 0.52
CA GLY A 420 10.52 -5.98 0.55
C GLY A 420 10.43 -5.44 1.94
N ILE A 421 11.12 -4.32 2.16
CA ILE A 421 11.07 -3.61 3.42
C ILE A 421 11.00 -2.13 3.08
N GLY A 422 10.01 -1.43 3.61
CA GLY A 422 9.87 -0.02 3.36
C GLY A 422 8.45 0.45 3.53
N PHE A 423 8.29 1.76 3.57
CA PHE A 423 6.96 2.36 3.65
C PHE A 423 6.07 1.79 2.57
N GLY A 424 4.89 1.34 3.00
CA GLY A 424 3.88 0.77 2.11
C GLY A 424 3.91 -0.73 1.92
N MET A 425 4.98 -1.40 2.34
CA MET A 425 5.07 -2.85 2.10
C MET A 425 3.89 -3.65 2.62
N ASP A 426 3.29 -3.17 3.71
CA ASP A 426 2.10 -3.81 4.29
C ASP A 426 0.96 -3.95 3.27
N GLU A 427 0.78 -2.94 2.43
CA GLU A 427 -0.30 -2.96 1.43
C GLU A 427 0.14 -3.42 0.05
N ILE A 428 1.42 -3.35 -0.23
CA ILE A 428 1.95 -3.72 -1.54
C ILE A 428 1.88 -5.22 -1.87
N LEU A 429 2.14 -6.03 -0.84
CA LEU A 429 2.36 -7.45 -1.07
C LEU A 429 1.22 -8.29 -1.60
N GLN A 430 0.00 -8.02 -1.19
CA GLN A 430 -1.10 -8.94 -1.52
C GLN A 430 -1.26 -9.28 -3.00
N GLY A 431 -1.25 -8.24 -3.85
CA GLY A 431 -1.43 -8.48 -5.27
C GLY A 431 -0.30 -9.28 -5.90
N PHE A 432 0.91 -9.02 -5.41
CA PHE A 432 2.10 -9.78 -5.86
C PHE A 432 2.01 -11.23 -5.43
N ALA A 433 1.38 -11.46 -4.28
CA ALA A 433 1.14 -12.85 -3.83
C ALA A 433 0.22 -13.59 -4.82
N VAL A 434 -0.79 -12.90 -5.34
CA VAL A 434 -1.67 -13.49 -6.33
C VAL A 434 -0.86 -13.86 -7.58
N ALA A 435 -0.03 -12.92 -8.04
CA ALA A 435 0.79 -13.17 -9.22
C ALA A 435 1.73 -14.35 -9.02
N MET A 436 2.33 -14.45 -7.84
CA MET A 436 3.25 -15.56 -7.59
C MET A 436 2.47 -16.88 -7.54
N LYS A 437 1.27 -16.88 -6.97
CA LYS A 437 0.44 -18.10 -6.91
C LYS A 437 0.05 -18.58 -8.33
N MET A 438 -0.04 -17.65 -9.28
CA MET A 438 -0.32 -17.94 -10.68
C MET A 438 0.92 -18.35 -11.46
N GLY A 439 2.10 -18.38 -10.86
CA GLY A 439 3.31 -18.78 -11.56
C GLY A 439 4.02 -17.66 -12.32
N ALA A 440 3.91 -16.44 -11.82
CA ALA A 440 4.54 -15.31 -12.49
C ALA A 440 6.03 -15.48 -12.72
N THR A 441 6.48 -14.98 -13.86
CA THR A 441 7.89 -14.94 -14.19
C THR A 441 8.29 -13.47 -14.23
N LYS A 442 9.59 -13.20 -14.30
CA LYS A 442 10.09 -11.82 -14.41
C LYS A 442 9.46 -11.11 -15.62
N LYS A 443 9.27 -11.81 -16.72
N LYS A 443 9.26 -11.84 -16.72
CA LYS A 443 8.65 -11.18 -17.90
CA LYS A 443 8.61 -11.29 -17.92
C LYS A 443 7.20 -10.72 -17.62
C LYS A 443 7.23 -10.73 -17.62
N ASP A 444 6.47 -11.45 -16.77
CA ASP A 444 5.11 -11.02 -16.40
C ASP A 444 5.15 -9.68 -15.67
N PHE A 445 6.18 -9.50 -14.83
CA PHE A 445 6.38 -8.22 -14.13
C PHE A 445 6.80 -7.14 -15.13
N ASP A 446 7.73 -7.48 -16.03
CA ASP A 446 8.20 -6.58 -17.10
C ASP A 446 7.02 -6.07 -17.94
N ASN A 447 6.08 -6.96 -18.19
CA ASN A 447 4.92 -6.63 -19.06
C ASN A 447 3.85 -5.77 -18.42
N THR A 448 3.96 -5.48 -17.12
CA THR A 448 2.96 -4.68 -16.44
C THR A 448 3.48 -3.25 -16.31
N VAL A 449 2.67 -2.29 -16.70
CA VAL A 449 3.07 -0.88 -16.62
C VAL A 449 3.04 -0.41 -15.17
N ALA A 450 4.05 0.39 -14.82
CA ALA A 450 4.18 0.93 -13.50
C ALA A 450 3.13 1.99 -13.17
N ILE A 451 2.89 2.14 -11.87
CA ILE A 451 2.05 3.22 -11.34
C ILE A 451 3.03 4.18 -10.66
N HIS A 452 3.04 5.45 -11.07
CA HIS A 452 3.98 6.45 -10.53
C HIS A 452 3.22 7.58 -9.89
N PRO A 453 3.69 8.14 -8.76
CA PRO A 453 4.87 7.73 -8.01
C PRO A 453 4.44 6.85 -6.83
N THR A 454 4.95 5.62 -6.79
CA THR A 454 4.65 4.68 -5.71
C THR A 454 5.94 3.92 -5.37
N ALA A 455 5.91 3.26 -4.23
CA ALA A 455 6.98 2.32 -3.90
C ALA A 455 6.76 1.03 -4.69
N ALA A 456 5.52 0.62 -4.86
CA ALA A 456 5.18 -0.65 -5.52
C ALA A 456 5.72 -0.79 -6.93
N GLU A 457 5.79 0.32 -7.66
CA GLU A 457 6.29 0.26 -9.02
C GLU A 457 7.71 -0.27 -9.11
N GLU A 458 8.47 -0.13 -8.04
CA GLU A 458 9.84 -0.64 -8.08
C GLU A 458 9.89 -2.15 -8.31
N PHE A 459 8.84 -2.87 -7.89
CA PHE A 459 8.82 -4.31 -8.14
C PHE A 459 8.71 -4.67 -9.59
N VAL A 460 8.13 -3.79 -10.41
CA VAL A 460 7.95 -4.08 -11.84
C VAL A 460 8.93 -3.33 -12.74
N THR A 461 9.94 -2.69 -12.15
N THR A 461 9.92 -2.67 -12.16
CA THR A 461 10.91 -1.88 -12.90
CA THR A 461 10.90 -1.93 -12.94
C THR A 461 12.36 -2.36 -12.73
C THR A 461 12.34 -2.28 -12.55
N MET A 462 12.57 -3.50 -12.08
CA MET A 462 13.94 -3.96 -11.80
C MET A 462 14.60 -4.47 -13.07
N ARG A 463 15.91 -4.21 -13.15
N ARG A 463 15.92 -4.35 -13.20
CA ARG A 463 16.79 -4.62 -14.24
CA ARG A 463 16.64 -4.86 -14.40
C ARG A 463 18.03 -5.20 -13.58
C ARG A 463 17.93 -5.61 -14.04
N THR B 15 27.51 22.72 -38.22
CA THR B 15 26.25 21.93 -38.03
C THR B 15 26.52 20.51 -37.49
N LYS B 16 26.04 20.26 -36.26
CA LYS B 16 26.23 18.97 -35.59
C LYS B 16 25.25 17.92 -36.10
N HIS B 17 25.73 16.70 -36.24
CA HIS B 17 24.90 15.57 -36.65
C HIS B 17 24.88 14.53 -35.54
N TYR B 18 23.70 13.96 -35.29
CA TYR B 18 23.53 12.89 -34.30
C TYR B 18 22.78 11.73 -34.92
N ASP B 19 22.96 10.55 -34.35
CA ASP B 19 22.18 9.39 -34.78
C ASP B 19 20.74 9.57 -34.31
N TYR B 20 20.56 10.06 -33.08
CA TYR B 20 19.23 10.18 -32.49
C TYR B 20 19.14 11.44 -31.67
N LEU B 21 18.06 12.19 -31.88
CA LEU B 21 17.82 13.45 -31.22
C LEU B 21 16.45 13.42 -30.59
N ALA B 22 16.35 13.72 -29.29
CA ALA B 22 15.06 13.82 -28.62
C ALA B 22 14.79 15.28 -28.30
N ILE B 23 13.62 15.76 -28.72
CA ILE B 23 13.17 17.11 -28.44
C ILE B 23 12.23 16.97 -27.24
N GLY B 24 12.67 17.47 -26.09
CA GLY B 24 11.92 17.41 -24.84
C GLY B 24 12.64 16.51 -23.88
N GLY B 25 13.08 17.08 -22.77
CA GLY B 25 13.79 16.35 -21.72
C GLY B 25 12.92 15.98 -20.55
N GLY B 26 11.70 15.52 -20.86
CA GLY B 26 10.76 15.04 -19.86
C GLY B 26 10.78 13.52 -19.73
N SER B 27 9.66 12.96 -19.27
CA SER B 27 9.58 11.52 -19.02
C SER B 27 9.96 10.67 -20.22
N GLY B 28 9.34 10.96 -21.35
CA GLY B 28 9.60 10.17 -22.55
C GLY B 28 10.98 10.39 -23.17
N GLY B 29 11.37 11.65 -23.29
CA GLY B 29 12.63 11.98 -23.92
C GLY B 29 13.84 11.48 -23.19
N ILE B 30 13.87 11.69 -21.87
CA ILE B 30 15.01 11.20 -21.10
C ILE B 30 15.07 9.68 -21.17
N ALA B 31 13.94 9.01 -20.98
CA ALA B 31 13.94 7.57 -21.00
C ALA B 31 14.42 7.02 -22.34
N SER B 32 13.93 7.60 -23.42
CA SER B 32 14.27 7.10 -24.73
C SER B 32 15.73 7.37 -25.10
N ILE B 33 16.19 8.57 -24.82
CA ILE B 33 17.55 8.96 -25.20
C ILE B 33 18.59 8.13 -24.42
N ASN B 34 18.35 7.94 -23.13
CA ASN B 34 19.29 7.11 -22.32
C ASN B 34 19.35 5.68 -22.84
N ARG B 35 18.21 5.11 -23.21
CA ARG B 35 18.22 3.72 -23.68
C ARG B 35 18.95 3.62 -25.02
N ALA B 36 18.75 4.60 -25.91
CA ALA B 36 19.46 4.61 -27.18
C ALA B 36 20.96 4.73 -26.95
N ALA B 37 21.35 5.57 -26.01
CA ALA B 37 22.77 5.80 -25.71
C ALA B 37 23.40 4.51 -25.22
N MET B 38 22.62 3.70 -24.51
CA MET B 38 23.12 2.42 -24.01
C MET B 38 23.49 1.45 -25.13
N TYR B 39 22.92 1.65 -26.31
CA TYR B 39 23.21 0.82 -27.47
C TYR B 39 24.22 1.47 -28.42
N GLY B 40 25.02 2.39 -27.87
CA GLY B 40 26.11 3.03 -28.62
C GLY B 40 25.77 4.09 -29.63
N LYS B 41 24.56 4.59 -29.62
CA LYS B 41 24.16 5.62 -30.57
C LYS B 41 24.66 6.99 -30.09
N LYS B 42 24.98 7.87 -31.04
N LYS B 42 24.96 7.87 -31.06
CA LYS B 42 25.41 9.24 -30.72
CA LYS B 42 25.38 9.25 -30.77
C LYS B 42 24.13 10.04 -30.57
C LYS B 42 24.09 10.04 -30.57
N CYS B 43 23.84 10.46 -29.34
CA CYS B 43 22.58 11.11 -28.99
C CYS B 43 22.64 12.52 -28.48
N ALA B 44 21.55 13.24 -28.70
CA ALA B 44 21.37 14.59 -28.19
C ALA B 44 19.95 14.70 -27.63
N LEU B 45 19.83 15.53 -26.59
CA LEU B 45 18.60 15.82 -25.92
C LEU B 45 18.47 17.32 -25.83
N ILE B 46 17.36 17.87 -26.31
CA ILE B 46 17.12 19.31 -26.24
C ILE B 46 15.98 19.57 -25.27
N GLU B 47 16.23 20.41 -24.26
CA GLU B 47 15.22 20.77 -23.25
C GLU B 47 15.20 22.25 -23.04
N ALA B 48 14.02 22.84 -23.16
CA ALA B 48 13.89 24.30 -23.06
C ALA B 48 13.85 24.82 -21.63
N LYS B 49 13.39 24.00 -20.71
CA LYS B 49 13.21 24.42 -19.30
C LYS B 49 14.04 23.53 -18.39
N GLN B 50 13.42 22.72 -17.52
CA GLN B 50 14.17 21.85 -16.63
C GLN B 50 14.06 20.39 -16.97
N LEU B 51 15.15 19.64 -16.75
CA LEU B 51 15.12 18.20 -16.95
C LEU B 51 14.07 17.57 -16.08
N GLY B 52 13.46 16.51 -16.59
CA GLY B 52 12.45 15.77 -15.88
C GLY B 52 11.04 16.14 -16.29
N GLY B 53 10.92 17.23 -17.02
CA GLY B 53 9.63 17.62 -17.58
C GLY B 53 8.54 17.94 -16.58
N THR B 54 7.33 17.74 -17.01
CA THR B 54 6.20 18.04 -16.20
C THR B 54 6.18 17.22 -14.92
N CYS B 55 6.44 15.93 -15.02
N CYS B 55 6.48 15.93 -15.07
CA CYS B 55 6.33 15.10 -13.84
CA CYS B 55 6.49 14.95 -13.97
C CYS B 55 7.26 15.53 -12.69
C CYS B 55 7.28 15.41 -12.74
N VAL B 56 8.54 15.73 -12.98
CA VAL B 56 9.46 16.09 -11.95
C VAL B 56 9.28 17.50 -11.40
N ASN B 57 8.93 18.45 -12.27
CA ASN B 57 8.92 19.84 -11.88
C ASN B 57 7.59 20.42 -11.44
N VAL B 58 6.52 20.00 -12.10
CA VAL B 58 5.18 20.58 -11.86
C VAL B 58 4.12 19.51 -11.98
N GLY B 59 4.46 18.28 -11.61
CA GLY B 59 3.54 17.17 -11.79
C GLY B 59 3.61 16.16 -10.68
N CYS B 60 3.79 14.89 -11.04
N CYS B 60 3.76 14.89 -11.05
CA CYS B 60 3.76 13.75 -10.11
CA CYS B 60 3.83 13.76 -10.12
C CYS B 60 4.60 13.94 -8.84
C CYS B 60 4.58 14.03 -8.83
N VAL B 61 5.82 14.45 -8.98
CA VAL B 61 6.72 14.58 -7.84
C VAL B 61 6.28 15.64 -6.83
N PRO B 62 6.16 16.91 -7.24
CA PRO B 62 5.72 17.89 -6.23
C PRO B 62 4.30 17.62 -5.74
N LYS B 63 3.46 17.05 -6.60
CA LYS B 63 2.10 16.67 -6.17
C LYS B 63 2.14 15.69 -5.02
N LYS B 64 3.00 14.68 -5.13
CA LYS B 64 3.06 13.65 -4.10
C LYS B 64 3.61 14.21 -2.80
N VAL B 65 4.60 15.10 -2.88
CA VAL B 65 5.14 15.74 -1.68
C VAL B 65 4.00 16.50 -0.99
N MET B 66 3.23 17.28 -1.76
CA MET B 66 2.12 18.03 -1.17
C MET B 66 1.05 17.09 -0.58
N TRP B 67 0.81 15.97 -1.26
CA TRP B 67 -0.14 14.96 -0.77
C TRP B 67 0.31 14.42 0.60
N HIS B 68 1.61 14.12 0.73
CA HIS B 68 2.15 13.67 2.00
C HIS B 68 1.97 14.74 3.09
N ALA B 69 2.17 16.01 2.73
CA ALA B 69 1.97 17.10 3.69
C ALA B 69 0.52 17.09 4.19
N ALA B 70 -0.42 16.90 3.28
CA ALA B 70 -1.83 16.84 3.65
C ALA B 70 -2.11 15.62 4.53
N GLN B 71 -1.48 14.49 4.26
CA GLN B 71 -1.65 13.28 5.11
C GLN B 71 -1.19 13.57 6.53
N ILE B 72 -0.10 14.32 6.66
CA ILE B 72 0.41 14.68 7.98
C ILE B 72 -0.57 15.62 8.65
N ALA B 73 -1.06 16.63 7.93
CA ALA B 73 -2.03 17.55 8.50
C ALA B 73 -3.27 16.80 9.00
N GLU B 74 -3.73 15.81 8.23
CA GLU B 74 -4.90 15.04 8.61
C GLU B 74 -4.59 14.15 9.83
N ALA B 75 -3.37 13.62 9.90
CA ALA B 75 -2.98 12.81 11.07
C ALA B 75 -3.04 13.69 12.32
N ILE B 76 -2.60 14.93 12.21
CA ILE B 76 -2.61 15.85 13.34
C ILE B 76 -4.00 16.34 13.70
N HIS B 77 -4.74 16.81 12.71
CA HIS B 77 -6.04 17.44 12.96
C HIS B 77 -7.25 16.52 13.04
N LEU B 78 -7.29 15.49 12.20
CA LEU B 78 -8.47 14.62 12.13
C LEU B 78 -8.38 13.38 12.97
N TYR B 79 -7.34 12.57 12.72
CA TYR B 79 -7.23 11.27 13.38
C TYR B 79 -6.52 11.29 14.71
N GLY B 80 -5.44 12.04 14.78
CA GLY B 80 -4.62 12.12 15.99
C GLY B 80 -5.34 12.28 17.32
N PRO B 81 -6.32 13.20 17.40
CA PRO B 81 -6.99 13.37 18.68
C PRO B 81 -7.63 12.11 19.24
N ASP B 82 -8.19 11.26 18.38
CA ASP B 82 -8.83 10.03 18.85
C ASP B 82 -7.83 8.90 19.14
N TYR B 83 -6.58 9.11 18.73
CA TYR B 83 -5.49 8.21 19.08
C TYR B 83 -4.78 8.74 20.33
N GLY B 84 -5.30 9.80 20.93
CA GLY B 84 -4.73 10.34 22.17
C GLY B 84 -3.82 11.53 22.01
N PHE B 85 -3.61 12.02 20.79
CA PHE B 85 -2.72 13.15 20.57
C PHE B 85 -3.42 14.51 20.64
N ASP B 86 -3.17 15.23 21.73
CA ASP B 86 -3.69 16.59 21.93
C ASP B 86 -2.52 17.44 21.49
N THR B 87 -2.67 18.05 20.32
N THR B 87 -2.61 18.00 20.26
CA THR B 87 -1.60 18.82 19.74
CA THR B 87 -1.50 18.76 19.65
C THR B 87 -2.01 20.26 19.49
C THR B 87 -1.88 20.13 19.12
N THR B 88 -0.98 21.09 19.32
CA THR B 88 -1.16 22.46 18.88
C THR B 88 -0.17 22.68 17.76
N VAL B 89 -0.68 23.12 16.61
CA VAL B 89 0.19 23.46 15.51
C VAL B 89 0.54 24.93 15.75
N ASN B 90 1.78 25.16 16.16
CA ASN B 90 2.27 26.53 16.44
C ASN B 90 2.39 27.31 15.14
N HIS B 91 2.87 26.65 14.09
CA HIS B 91 3.01 27.27 12.78
C HIS B 91 3.04 26.21 11.70
N PHE B 92 2.39 26.49 10.59
CA PHE B 92 2.49 25.64 9.41
C PHE B 92 3.27 26.50 8.44
N ASP B 93 4.55 26.16 8.29
CA ASP B 93 5.50 26.94 7.49
C ASP B 93 5.51 26.45 6.04
N TRP B 94 4.63 27.06 5.24
CA TRP B 94 4.48 26.74 3.82
C TRP B 94 5.79 26.94 3.08
N LYS B 95 6.50 28.02 3.40
CA LYS B 95 7.77 28.29 2.70
C LYS B 95 8.80 27.18 2.93
N LYS B 96 8.82 26.62 4.13
CA LYS B 96 9.74 25.53 4.44
C LYS B 96 9.37 24.27 3.66
N LEU B 97 8.08 23.98 3.60
CA LEU B 97 7.61 22.85 2.83
C LEU B 97 8.05 22.98 1.37
N ILE B 98 7.80 24.16 0.81
CA ILE B 98 8.18 24.40 -0.58
C ILE B 98 9.70 24.32 -0.78
N ALA B 99 10.47 24.85 0.16
CA ALA B 99 11.93 24.80 0.07
C ALA B 99 12.45 23.35 0.04
N ASN B 100 11.89 22.52 0.91
CA ASN B 100 12.32 21.11 0.97
C ASN B 100 11.85 20.34 -0.27
N ARG B 101 10.64 20.67 -0.74
CA ARG B 101 10.13 20.07 -1.96
C ARG B 101 11.06 20.43 -3.13
N THR B 102 11.43 21.70 -3.21
CA THR B 102 12.30 22.20 -4.27
C THR B 102 13.70 21.57 -4.20
N ALA B 103 14.22 21.38 -2.99
CA ALA B 103 15.56 20.77 -2.83
C ALA B 103 15.56 19.33 -3.33
N TYR B 104 14.48 18.61 -3.06
CA TYR B 104 14.35 17.24 -3.54
C TYR B 104 14.34 17.22 -5.07
N ILE B 105 13.58 18.12 -5.67
CA ILE B 105 13.50 18.21 -7.12
C ILE B 105 14.88 18.55 -7.71
N ASP B 106 15.63 19.42 -7.03
N ASP B 106 15.62 19.41 -7.03
CA ASP B 106 16.98 19.75 -7.47
CA ASP B 106 16.97 19.78 -7.46
C ASP B 106 17.86 18.49 -7.49
C ASP B 106 17.87 18.52 -7.48
N ARG B 107 17.73 17.66 -6.47
CA ARG B 107 18.50 16.41 -6.40
C ARG B 107 18.15 15.48 -7.56
N ILE B 108 16.87 15.44 -7.93
CA ILE B 108 16.43 14.66 -9.06
C ILE B 108 17.06 15.22 -10.32
N HIS B 109 17.07 16.53 -10.50
CA HIS B 109 17.72 17.13 -11.68
C HIS B 109 19.17 16.69 -11.79
N GLN B 110 19.89 16.78 -10.67
CA GLN B 110 21.31 16.41 -10.62
C GLN B 110 21.50 14.95 -10.99
N SER B 111 20.62 14.08 -10.52
CA SER B 111 20.69 12.66 -10.83
C SER B 111 20.51 12.44 -12.34
N TYR B 112 19.52 13.11 -12.94
CA TYR B 112 19.33 12.96 -14.38
C TYR B 112 20.53 13.47 -15.15
N GLU B 113 21.11 14.60 -14.73
CA GLU B 113 22.30 15.17 -15.39
C GLU B 113 23.46 14.18 -15.36
N ARG B 114 23.68 13.54 -14.20
CA ARG B 114 24.77 12.56 -14.09
C ARG B 114 24.54 11.39 -15.01
N GLY B 115 23.31 10.88 -15.05
CA GLY B 115 22.96 9.75 -15.89
C GLY B 115 23.20 10.04 -17.37
N LEU B 116 22.76 11.22 -17.81
CA LEU B 116 22.93 11.65 -19.20
C LEU B 116 24.40 11.85 -19.53
N GLY B 117 25.16 12.45 -18.61
CA GLY B 117 26.60 12.67 -18.81
C GLY B 117 27.35 11.35 -18.88
N ASN B 118 26.99 10.42 -18.01
CA ASN B 118 27.62 9.10 -18.03
C ASN B 118 27.32 8.29 -19.29
N ASN B 119 26.17 8.54 -19.91
CA ASN B 119 25.80 7.89 -21.17
C ASN B 119 26.31 8.69 -22.38
N LYS B 120 27.01 9.81 -22.12
CA LYS B 120 27.58 10.65 -23.18
C LYS B 120 26.55 11.26 -24.11
N VAL B 121 25.39 11.59 -23.55
CA VAL B 121 24.34 12.28 -24.29
C VAL B 121 24.62 13.77 -24.23
N ASP B 122 24.59 14.44 -25.38
CA ASP B 122 24.76 15.89 -25.42
C ASP B 122 23.45 16.53 -25.02
N VAL B 123 23.45 17.28 -23.93
CA VAL B 123 22.23 17.91 -23.45
C VAL B 123 22.33 19.38 -23.79
N ILE B 124 21.31 19.87 -24.49
CA ILE B 124 21.27 21.25 -24.95
C ILE B 124 20.09 21.97 -24.32
N GLN B 125 20.32 23.10 -23.64
N GLN B 125 20.36 23.12 -23.71
CA GLN B 125 19.21 23.87 -23.01
CA GLN B 125 19.35 23.95 -23.10
C GLN B 125 18.76 24.97 -23.97
C GLN B 125 18.86 24.91 -24.16
N GLY B 126 17.60 24.77 -24.56
CA GLY B 126 17.02 25.68 -25.52
C GLY B 126 15.76 25.11 -26.11
N PHE B 127 15.06 25.96 -26.84
CA PHE B 127 13.80 25.56 -27.46
C PHE B 127 14.08 25.21 -28.93
N ALA B 128 13.86 23.96 -29.29
CA ALA B 128 14.09 23.50 -30.66
C ALA B 128 12.94 23.83 -31.58
N ARG B 129 13.28 24.27 -32.79
CA ARG B 129 12.30 24.52 -33.86
C ARG B 129 12.81 23.81 -35.10
N PHE B 130 11.90 23.11 -35.79
CA PHE B 130 12.30 22.43 -37.03
C PHE B 130 12.63 23.42 -38.16
N VAL B 131 13.56 22.97 -39.00
CA VAL B 131 14.01 23.67 -40.21
C VAL B 131 13.54 22.85 -41.41
N ASP B 132 13.66 21.53 -41.30
CA ASP B 132 13.16 20.59 -42.29
C ASP B 132 12.88 19.29 -41.53
N ALA B 133 12.49 18.23 -42.22
CA ALA B 133 12.10 16.98 -41.53
C ALA B 133 13.20 16.34 -40.67
N HIS B 134 14.47 16.62 -40.95
CA HIS B 134 15.57 16.02 -40.19
C HIS B 134 16.53 17.02 -39.61
N THR B 135 16.09 18.27 -39.48
CA THR B 135 16.95 19.33 -39.01
C THR B 135 16.19 20.26 -38.09
N VAL B 136 16.84 20.63 -36.98
CA VAL B 136 16.27 21.59 -36.04
C VAL B 136 17.28 22.68 -35.80
N GLU B 137 16.78 23.80 -35.28
CA GLU B 137 17.60 24.92 -34.91
C GLU B 137 17.34 25.18 -33.43
N VAL B 138 18.40 25.38 -32.65
CA VAL B 138 18.27 25.71 -31.23
C VAL B 138 19.40 26.65 -30.84
N ASN B 139 19.07 27.78 -30.22
CA ASN B 139 20.07 28.79 -29.82
C ASN B 139 20.92 29.22 -31.01
N GLY B 140 20.32 29.23 -32.20
CA GLY B 140 21.02 29.66 -33.42
C GLY B 140 21.95 28.64 -34.03
N GLU B 141 21.93 27.41 -33.49
CA GLU B 141 22.77 26.33 -33.97
C GLU B 141 21.89 25.33 -34.73
N THR B 142 22.40 24.79 -35.83
CA THR B 142 21.69 23.83 -36.65
C THR B 142 22.15 22.44 -36.28
N ILE B 143 21.18 21.55 -36.07
CA ILE B 143 21.45 20.16 -35.69
C ILE B 143 20.64 19.22 -36.54
N THR B 144 21.29 18.19 -37.08
CA THR B 144 20.62 17.20 -37.89
C THR B 144 20.69 15.85 -37.19
N ALA B 145 19.74 14.99 -37.51
CA ALA B 145 19.70 13.65 -36.96
C ALA B 145 18.94 12.69 -37.85
N ASP B 146 19.40 11.44 -37.89
CA ASP B 146 18.74 10.41 -38.69
C ASP B 146 17.38 10.01 -38.11
N HIS B 147 17.27 10.08 -36.79
CA HIS B 147 16.07 9.70 -36.06
C HIS B 147 15.76 10.81 -35.07
N ILE B 148 14.52 11.30 -35.10
CA ILE B 148 14.09 12.38 -34.21
C ILE B 148 12.83 12.00 -33.44
N LEU B 149 12.95 12.02 -32.12
CA LEU B 149 11.83 11.80 -31.25
C LEU B 149 11.28 13.14 -30.78
N ILE B 150 9.98 13.36 -30.99
CA ILE B 150 9.32 14.55 -30.50
C ILE B 150 8.58 14.11 -29.23
N ALA B 151 9.09 14.56 -28.09
CA ALA B 151 8.53 14.19 -26.78
C ALA B 151 8.35 15.48 -25.99
N THR B 152 7.53 16.36 -26.54
CA THR B 152 7.37 17.72 -26.04
C THR B 152 6.27 17.92 -25.02
N GLY B 153 5.51 16.87 -24.71
CA GLY B 153 4.48 16.97 -23.71
C GLY B 153 3.39 17.94 -24.02
N GLY B 154 2.81 18.49 -22.94
CA GLY B 154 1.74 19.45 -23.05
C GLY B 154 1.87 20.56 -22.02
N ARG B 155 0.76 21.27 -21.81
N ARG B 155 0.76 21.24 -21.78
CA ARG B 155 0.71 22.38 -20.87
CA ARG B 155 0.72 22.35 -20.85
C ARG B 155 -0.75 22.58 -20.42
C ARG B 155 -0.73 22.58 -20.43
N PRO B 156 -0.96 23.32 -19.32
CA PRO B 156 -2.34 23.58 -18.88
C PRO B 156 -3.13 24.43 -19.87
N SER B 157 -4.42 24.15 -19.98
CA SER B 157 -5.34 24.94 -20.79
C SER B 157 -6.03 25.94 -19.88
N HIS B 158 -6.54 27.01 -20.48
CA HIS B 158 -7.26 28.05 -19.74
C HIS B 158 -8.56 28.36 -20.47
N PRO B 159 -9.62 28.65 -19.71
CA PRO B 159 -10.91 28.95 -20.34
C PRO B 159 -10.96 30.38 -20.89
N ASP B 160 -11.76 30.57 -21.91
CA ASP B 160 -11.95 31.88 -22.52
C ASP B 160 -13.22 32.49 -21.96
N ILE B 161 -13.15 32.99 -20.73
CA ILE B 161 -14.27 33.69 -20.10
C ILE B 161 -13.74 34.98 -19.48
N PRO B 162 -14.63 35.95 -19.18
CA PRO B 162 -14.19 37.17 -18.53
C PRO B 162 -13.54 36.92 -17.18
N GLY B 163 -12.39 37.52 -16.96
CA GLY B 163 -11.66 37.35 -15.72
C GLY B 163 -10.86 36.08 -15.59
N ALA B 164 -10.78 35.29 -16.66
CA ALA B 164 -10.00 34.04 -16.59
C ALA B 164 -8.56 34.29 -16.14
N GLU B 165 -8.02 35.44 -16.52
CA GLU B 165 -6.64 35.81 -16.17
C GLU B 165 -6.39 35.95 -14.68
N TYR B 166 -7.44 36.06 -13.88
CA TYR B 166 -7.28 36.15 -12.42
C TYR B 166 -7.01 34.77 -11.84
N GLY B 167 -7.29 33.73 -12.60
CA GLY B 167 -7.02 32.36 -12.15
C GLY B 167 -5.61 31.95 -12.51
N ILE B 168 -5.13 30.93 -11.81
CA ILE B 168 -3.84 30.30 -12.06
C ILE B 168 -4.15 28.88 -12.50
N ASP B 169 -3.13 28.14 -12.92
CA ASP B 169 -3.32 26.76 -13.33
C ASP B 169 -2.47 25.86 -12.43
N SER B 170 -2.31 24.58 -12.78
CA SER B 170 -1.54 23.67 -11.90
C SER B 170 -0.08 24.12 -11.73
N ASP B 171 0.52 24.72 -12.77
CA ASP B 171 1.86 25.24 -12.64
C ASP B 171 1.85 26.33 -11.58
N GLY B 172 0.83 27.18 -11.61
CA GLY B 172 0.66 28.25 -10.63
C GLY B 172 0.49 27.72 -9.22
N PHE B 173 -0.19 26.58 -9.10
CA PHE B 173 -0.36 25.95 -7.79
C PHE B 173 1.01 25.65 -7.17
N PHE B 174 1.93 25.12 -7.96
CA PHE B 174 3.27 24.80 -7.46
C PHE B 174 4.10 26.05 -7.19
N GLU B 175 3.69 27.18 -7.76
CA GLU B 175 4.38 28.46 -7.53
C GLU B 175 3.84 29.22 -6.30
N LEU B 176 2.74 28.75 -5.70
CA LEU B 176 2.22 29.42 -4.50
C LEU B 176 3.29 29.42 -3.41
N ASP B 177 3.49 30.57 -2.79
CA ASP B 177 4.51 30.72 -1.73
C ASP B 177 3.90 31.01 -0.36
N GLU B 178 2.59 30.86 -0.25
CA GLU B 178 1.93 30.95 1.05
C GLU B 178 0.69 30.06 0.98
N MET B 179 0.25 29.61 2.14
CA MET B 179 -0.91 28.77 2.33
C MET B 179 -2.15 29.58 1.96
N PRO B 180 -2.89 29.18 0.92
CA PRO B 180 -4.10 29.95 0.57
C PRO B 180 -5.23 29.74 1.61
N LYS B 181 -5.98 30.78 1.89
CA LYS B 181 -7.07 30.67 2.88
C LYS B 181 -8.35 30.10 2.30
N ARG B 182 -8.76 30.59 1.12
CA ARG B 182 -9.97 30.14 0.42
C ARG B 182 -9.59 29.95 -1.03
N VAL B 183 -9.89 28.77 -1.59
N VAL B 183 -9.94 28.80 -1.60
CA VAL B 183 -9.53 28.44 -2.98
CA VAL B 183 -9.58 28.53 -2.98
C VAL B 183 -10.63 27.75 -3.76
C VAL B 183 -10.73 27.86 -3.71
N ALA B 184 -10.84 28.18 -5.00
CA ALA B 184 -11.77 27.55 -5.92
C ALA B 184 -10.92 26.73 -6.90
N VAL B 185 -11.21 25.44 -7.04
CA VAL B 185 -10.53 24.58 -8.01
C VAL B 185 -11.60 24.19 -9.00
N VAL B 186 -11.32 24.40 -10.29
CA VAL B 186 -12.28 24.16 -11.35
C VAL B 186 -11.80 23.06 -12.26
N GLY B 187 -12.57 21.99 -12.36
CA GLY B 187 -12.18 20.85 -13.19
C GLY B 187 -12.71 19.56 -12.62
N ALA B 188 -12.68 18.52 -13.44
CA ALA B 188 -13.27 17.24 -13.06
C ALA B 188 -12.40 16.04 -13.29
N GLY B 189 -11.12 16.28 -13.58
CA GLY B 189 -10.16 15.22 -13.76
C GLY B 189 -9.31 14.99 -12.52
N TYR B 190 -8.32 14.11 -12.66
CA TYR B 190 -7.51 13.76 -11.52
C TYR B 190 -6.74 14.96 -10.96
N ILE B 191 -6.30 15.88 -11.82
CA ILE B 191 -5.54 17.05 -11.35
C ILE B 191 -6.37 17.92 -10.42
N ALA B 192 -7.59 18.24 -10.84
CA ALA B 192 -8.48 19.03 -10.00
C ALA B 192 -8.79 18.33 -8.69
N VAL B 193 -9.07 17.04 -8.76
CA VAL B 193 -9.41 16.27 -7.56
C VAL B 193 -8.25 16.23 -6.57
N GLU B 194 -7.06 15.98 -7.10
CA GLU B 194 -5.86 15.92 -6.27
C GLU B 194 -5.55 17.25 -5.60
N ILE B 195 -5.55 18.32 -6.38
CA ILE B 195 -5.24 19.63 -5.84
C ILE B 195 -6.26 20.02 -4.78
N ALA B 196 -7.54 19.83 -5.09
CA ALA B 196 -8.61 20.18 -4.13
C ALA B 196 -8.47 19.35 -2.84
N GLY B 197 -8.11 18.09 -2.97
CA GLY B 197 -7.97 17.24 -1.80
C GLY B 197 -6.81 17.65 -0.93
N VAL B 198 -5.71 18.04 -1.56
CA VAL B 198 -4.50 18.46 -0.84
C VAL B 198 -4.79 19.75 -0.08
N LEU B 199 -5.37 20.73 -0.76
CA LEU B 199 -5.68 22.00 -0.11
C LEU B 199 -6.68 21.81 1.02
N ASN B 200 -7.68 20.98 0.79
CA ASN B 200 -8.66 20.72 1.84
C ASN B 200 -8.00 20.06 3.07
N GLY B 201 -7.11 19.11 2.83
CA GLY B 201 -6.43 18.42 3.93
C GLY B 201 -5.51 19.32 4.72
N LEU B 202 -4.91 20.30 4.05
CA LEU B 202 -4.01 21.24 4.70
C LEU B 202 -4.74 22.32 5.51
N GLY B 203 -6.03 22.49 5.25
CA GLY B 203 -6.83 23.47 6.00
C GLY B 203 -7.42 24.63 5.22
N THR B 204 -7.12 24.72 3.93
CA THR B 204 -7.70 25.76 3.09
C THR B 204 -9.20 25.52 2.94
N GLU B 205 -10.01 26.59 2.95
CA GLU B 205 -11.45 26.43 2.68
C GLU B 205 -11.48 26.20 1.17
N THR B 206 -11.83 24.99 0.78
CA THR B 206 -11.66 24.56 -0.60
C THR B 206 -12.97 24.19 -1.25
N HIS B 207 -13.17 24.70 -2.47
CA HIS B 207 -14.35 24.47 -3.29
C HIS B 207 -13.92 23.87 -4.60
N LEU B 208 -14.57 22.78 -5.00
CA LEU B 208 -14.30 22.10 -6.24
C LEU B 208 -15.53 22.22 -7.14
N PHE B 209 -15.33 22.71 -8.37
CA PHE B 209 -16.45 22.95 -9.31
C PHE B 209 -16.36 22.04 -10.51
N VAL B 210 -17.38 21.19 -10.68
CA VAL B 210 -17.46 20.28 -11.80
C VAL B 210 -18.68 20.60 -12.65
N ARG B 211 -18.57 20.39 -13.96
CA ARG B 211 -19.66 20.75 -14.89
C ARG B 211 -20.87 19.86 -14.86
N LYS B 212 -20.67 18.60 -14.50
CA LYS B 212 -21.75 17.62 -14.50
C LYS B 212 -22.02 17.07 -13.11
N HIS B 213 -22.29 15.77 -12.96
N HIS B 213 -22.28 15.77 -12.96
CA HIS B 213 -22.68 15.24 -11.65
CA HIS B 213 -22.71 15.26 -11.66
C HIS B 213 -21.57 15.03 -10.66
C HIS B 213 -21.60 14.93 -10.68
N ALA B 214 -20.37 14.79 -11.16
CA ALA B 214 -19.26 14.44 -10.28
C ALA B 214 -17.93 14.59 -10.95
N PRO B 215 -16.87 14.65 -10.16
CA PRO B 215 -15.55 14.55 -10.78
C PRO B 215 -15.33 13.08 -11.16
N LEU B 216 -14.35 12.84 -12.04
CA LEU B 216 -13.99 11.46 -12.47
C LEU B 216 -15.27 10.73 -12.88
N ARG B 217 -16.12 11.44 -13.61
N ARG B 217 -16.16 11.42 -13.58
CA ARG B 217 -17.47 10.97 -13.96
CA ARG B 217 -17.49 10.88 -13.86
C ARG B 217 -17.60 9.67 -14.74
C ARG B 217 -17.57 9.59 -14.64
N THR B 218 -16.54 9.25 -15.43
CA THR B 218 -16.54 7.99 -16.18
C THR B 218 -15.89 6.83 -15.39
N PHE B 219 -15.37 7.08 -14.19
CA PHE B 219 -14.82 5.98 -13.36
C PHE B 219 -16.00 5.10 -12.93
N ASP B 220 -15.70 3.94 -12.37
CA ASP B 220 -16.79 3.05 -11.97
C ASP B 220 -17.72 3.76 -10.97
N PRO B 221 -19.04 3.57 -11.11
CA PRO B 221 -19.96 4.26 -10.17
C PRO B 221 -19.71 4.01 -8.68
N LEU B 222 -19.12 2.86 -8.34
N LEU B 222 -19.32 2.79 -8.32
CA LEU B 222 -18.77 2.59 -6.95
CA LEU B 222 -19.06 2.45 -6.91
C LEU B 222 -17.67 3.55 -6.46
C LEU B 222 -18.07 3.43 -6.34
N ILE B 223 -16.69 3.83 -7.32
N ILE B 223 -17.03 3.69 -7.15
CA ILE B 223 -15.65 4.75 -6.98
CA ILE B 223 -15.95 4.63 -6.83
C ILE B 223 -16.20 6.17 -6.91
C ILE B 223 -16.44 6.06 -6.79
N VAL B 224 -16.99 6.54 -7.91
CA VAL B 224 -17.53 7.92 -8.00
C VAL B 224 -18.40 8.24 -6.80
N GLU B 225 -19.33 7.35 -6.48
CA GLU B 225 -20.24 7.64 -5.36
C GLU B 225 -19.56 7.61 -4.01
N THR B 226 -18.53 6.79 -3.85
CA THR B 226 -17.78 6.79 -2.59
C THR B 226 -16.98 8.09 -2.46
N LEU B 227 -16.40 8.55 -3.56
CA LEU B 227 -15.66 9.82 -3.53
C LEU B 227 -16.61 10.96 -3.14
N LEU B 228 -17.80 10.97 -3.73
CA LEU B 228 -18.77 12.02 -3.37
C LEU B 228 -19.12 11.96 -1.90
N GLU B 229 -19.31 10.76 -1.37
CA GLU B 229 -19.63 10.58 0.02
C GLU B 229 -18.56 11.18 0.91
N VAL B 230 -17.32 10.86 0.60
CA VAL B 230 -16.19 11.39 1.40
C VAL B 230 -16.07 12.90 1.29
N MET B 231 -16.18 13.44 0.08
CA MET B 231 -16.09 14.89 -0.10
C MET B 231 -17.20 15.60 0.68
N ASN B 232 -18.41 15.04 0.68
N ASN B 232 -18.39 14.99 0.67
CA ASN B 232 -19.48 15.68 1.44
CA ASN B 232 -19.56 15.55 1.35
C ASN B 232 -19.12 15.79 2.91
C ASN B 232 -19.50 15.51 2.88
N THR B 233 -18.59 14.69 3.43
CA THR B 233 -18.30 14.60 4.85
C THR B 233 -17.11 15.44 5.31
N GLU B 234 -16.01 15.34 4.55
N GLU B 234 -16.00 15.37 4.58
CA GLU B 234 -14.72 15.92 4.94
CA GLU B 234 -14.75 16.02 5.02
C GLU B 234 -14.18 17.03 4.07
C GLU B 234 -14.27 17.19 4.19
N GLY B 235 -14.94 17.45 3.06
CA GLY B 235 -14.49 18.47 2.11
C GLY B 235 -13.63 17.78 1.05
N PRO B 236 -13.28 18.48 -0.04
CA PRO B 236 -13.69 19.86 -0.31
C PRO B 236 -15.18 19.99 -0.58
N LYS B 237 -15.67 21.22 -0.56
CA LYS B 237 -17.07 21.44 -0.87
C LYS B 237 -17.23 21.28 -2.37
N LEU B 238 -18.05 20.32 -2.79
CA LEU B 238 -18.27 20.05 -4.18
C LEU B 238 -19.48 20.81 -4.71
N HIS B 239 -19.29 21.48 -5.84
CA HIS B 239 -20.34 22.23 -6.51
C HIS B 239 -20.47 21.56 -7.88
N THR B 240 -21.61 20.92 -8.11
CA THR B 240 -21.87 20.17 -9.33
C THR B 240 -22.74 20.96 -10.29
N GLU B 241 -22.84 20.49 -11.54
CA GLU B 241 -23.60 21.21 -12.58
C GLU B 241 -23.19 22.69 -12.53
N SER B 242 -21.88 22.89 -12.42
CA SER B 242 -21.27 24.19 -12.21
C SER B 242 -20.36 24.56 -13.37
N VAL B 243 -20.85 25.44 -14.25
CA VAL B 243 -20.11 25.88 -15.44
C VAL B 243 -19.64 27.33 -15.19
N PRO B 244 -18.31 27.57 -15.22
CA PRO B 244 -17.82 28.94 -15.00
C PRO B 244 -18.33 29.92 -16.05
N LYS B 245 -18.81 31.08 -15.59
N LYS B 245 -18.80 31.08 -15.60
CA LYS B 245 -19.31 32.13 -16.46
CA LYS B 245 -19.30 32.12 -16.49
C LYS B 245 -18.32 33.28 -16.52
C LYS B 245 -18.34 33.31 -16.53
N ALA B 246 -17.84 33.68 -15.35
CA ALA B 246 -16.90 34.79 -15.24
C ALA B 246 -16.24 34.80 -13.88
N VAL B 247 -15.11 35.49 -13.79
CA VAL B 247 -14.42 35.70 -12.53
C VAL B 247 -14.32 37.22 -12.35
N ILE B 248 -14.82 37.70 -11.22
CA ILE B 248 -14.82 39.12 -10.89
C ILE B 248 -13.77 39.40 -9.84
N LYS B 249 -12.95 40.45 -10.02
CA LYS B 249 -12.02 40.84 -8.97
C LYS B 249 -12.69 41.95 -8.15
N ASN B 250 -12.88 41.68 -6.87
CA ASN B 250 -13.53 42.62 -5.94
C ASN B 250 -12.57 43.69 -5.45
N ALA B 251 -13.12 44.75 -4.88
CA ALA B 251 -12.30 45.87 -4.38
C ALA B 251 -11.26 45.46 -3.34
N ASP B 252 -11.62 44.48 -2.51
CA ASP B 252 -10.69 44.00 -1.46
C ASP B 252 -9.63 43.01 -1.98
N GLY B 253 -9.59 42.77 -3.28
CA GLY B 253 -8.62 41.84 -3.87
C GLY B 253 -9.11 40.41 -4.01
N SER B 254 -10.24 40.07 -3.39
CA SER B 254 -10.79 38.71 -3.50
C SER B 254 -11.39 38.49 -4.90
N LEU B 255 -11.65 37.22 -5.22
CA LEU B 255 -12.20 36.83 -6.51
C LEU B 255 -13.54 36.19 -6.31
N THR B 256 -14.51 36.54 -7.16
CA THR B 256 -15.80 35.88 -7.10
C THR B 256 -15.98 35.12 -8.40
N LEU B 257 -16.12 33.80 -8.29
CA LEU B 257 -16.38 32.95 -9.43
C LEU B 257 -17.89 32.92 -9.61
N GLN B 258 -18.37 33.35 -10.79
CA GLN B 258 -19.79 33.30 -11.12
C GLN B 258 -20.02 32.11 -12.02
N LEU B 259 -20.97 31.29 -11.62
N LEU B 259 -21.04 31.29 -11.76
CA LEU B 259 -21.35 30.14 -12.35
CA LEU B 259 -21.35 30.11 -12.61
C LEU B 259 -22.56 30.53 -13.16
C LEU B 259 -22.60 30.33 -13.50
N GLU B 260 -22.74 29.81 -14.27
N GLU B 260 -22.76 29.53 -14.57
CA GLU B 260 -23.85 30.04 -15.19
CA GLU B 260 -23.93 29.69 -15.45
C GLU B 260 -25.19 29.85 -14.52
C GLU B 260 -25.27 29.54 -14.75
N ASN B 261 -25.29 28.86 -13.61
CA ASN B 261 -26.55 28.61 -12.87
C ASN B 261 -26.93 29.71 -11.89
N GLY B 262 -26.13 30.78 -11.84
CA GLY B 262 -26.43 31.88 -10.94
C GLY B 262 -25.73 31.86 -9.59
N THR B 263 -25.09 30.73 -9.27
N THR B 263 -25.08 30.76 -9.24
CA THR B 263 -24.35 30.64 -8.02
CA THR B 263 -24.38 30.69 -7.97
C THR B 263 -23.00 31.31 -8.19
C THR B 263 -23.06 31.47 -8.00
N GLU B 264 -22.36 31.56 -7.05
N GLU B 264 -22.79 32.18 -6.91
CA GLU B 264 -21.07 32.18 -7.02
CA GLU B 264 -21.55 32.92 -6.77
C GLU B 264 -20.38 31.84 -5.72
C GLU B 264 -20.83 32.51 -5.50
N VAL B 265 -19.06 31.93 -5.71
N VAL B 265 -19.50 32.33 -5.62
CA VAL B 265 -18.29 31.66 -4.52
CA VAL B 265 -18.62 31.94 -4.52
C VAL B 265 -17.13 32.63 -4.52
C VAL B 265 -17.39 32.85 -4.55
N THR B 266 -16.93 33.28 -3.38
CA THR B 266 -15.80 34.21 -3.24
C THR B 266 -14.61 33.52 -2.57
N VAL B 267 -13.45 33.68 -3.18
CA VAL B 267 -12.20 33.01 -2.74
C VAL B 267 -11.03 33.96 -2.91
N ASP B 268 -9.86 33.54 -2.44
CA ASP B 268 -8.66 34.34 -2.56
C ASP B 268 -7.86 33.94 -3.81
N HIS B 269 -7.97 32.68 -4.21
CA HIS B 269 -7.25 32.16 -5.36
C HIS B 269 -8.15 31.19 -6.11
N LEU B 270 -7.98 31.12 -7.42
CA LEU B 270 -8.76 30.25 -8.28
C LEU B 270 -7.80 29.48 -9.16
N ILE B 271 -7.95 28.15 -9.16
CA ILE B 271 -7.10 27.29 -9.94
C ILE B 271 -7.88 26.59 -11.06
N TRP B 272 -7.52 26.89 -12.30
CA TRP B 272 -8.09 26.22 -13.45
C TRP B 272 -7.39 24.87 -13.62
N ALA B 273 -8.15 23.79 -13.59
CA ALA B 273 -7.62 22.43 -13.81
C ALA B 273 -8.62 21.72 -14.73
N ILE B 274 -8.97 22.39 -15.81
N ILE B 274 -8.96 22.40 -15.84
CA ILE B 274 -9.96 21.87 -16.73
CA ILE B 274 -9.97 21.95 -16.81
C ILE B 274 -9.37 20.86 -17.71
C ILE B 274 -9.48 21.14 -17.99
N GLY B 275 -8.17 21.11 -18.18
CA GLY B 275 -7.54 20.27 -19.20
C GLY B 275 -6.14 20.73 -19.50
N ARG B 276 -5.54 20.01 -20.46
CA ARG B 276 -4.22 20.30 -20.95
C ARG B 276 -4.26 20.25 -22.46
N GLU B 277 -3.23 20.80 -23.08
CA GLU B 277 -3.13 20.86 -24.53
C GLU B 277 -1.69 20.54 -24.93
N PRO B 278 -1.50 19.97 -26.11
CA PRO B 278 -0.17 19.53 -26.51
C PRO B 278 0.77 20.62 -26.96
N ALA B 279 2.05 20.46 -26.63
CA ALA B 279 3.09 21.44 -27.01
C ALA B 279 3.61 21.06 -28.40
N THR B 280 2.76 21.30 -29.41
CA THR B 280 3.09 20.97 -30.79
C THR B 280 2.88 22.14 -31.73
N ASP B 281 2.60 23.30 -31.15
CA ASP B 281 2.26 24.51 -31.93
C ASP B 281 3.32 25.56 -32.13
N ASN B 282 4.42 25.52 -31.39
CA ASN B 282 5.43 26.57 -31.52
C ASN B 282 6.78 26.07 -31.99
N LEU B 283 6.86 24.83 -32.47
CA LEU B 283 8.15 24.30 -32.90
C LEU B 283 8.31 24.17 -34.43
N ASN B 284 7.48 24.88 -35.19
CA ASN B 284 7.54 24.89 -36.65
C ASN B 284 7.35 23.49 -37.20
N LEU B 285 6.46 22.73 -36.57
CA LEU B 285 6.19 21.37 -37.01
C LEU B 285 5.67 21.31 -38.45
N SER B 286 5.05 22.39 -38.93
CA SER B 286 4.51 22.40 -40.29
C SER B 286 5.54 22.02 -41.37
N VAL B 287 6.81 22.38 -41.18
CA VAL B 287 7.82 22.06 -42.21
C VAL B 287 8.15 20.57 -42.31
N THR B 288 7.81 19.79 -41.29
CA THR B 288 8.11 18.36 -41.27
C THR B 288 7.10 17.48 -41.99
N GLY B 289 5.89 17.97 -42.20
CA GLY B 289 4.82 17.15 -42.76
C GLY B 289 4.17 16.19 -41.76
N VAL B 290 4.60 16.24 -40.50
CA VAL B 290 4.03 15.36 -39.47
C VAL B 290 2.55 15.68 -39.26
N LYS B 291 1.73 14.64 -39.27
CA LYS B 291 0.29 14.81 -39.09
C LYS B 291 -0.12 14.92 -37.64
N THR B 292 -1.02 15.86 -37.38
CA THR B 292 -1.62 16.06 -36.07
C THR B 292 -3.13 16.02 -36.23
N ASN B 293 -3.83 15.69 -35.15
CA ASN B 293 -5.29 15.67 -35.18
C ASN B 293 -5.82 17.09 -34.94
N ASP B 294 -7.15 17.24 -34.88
CA ASP B 294 -7.73 18.58 -34.73
C ASP B 294 -7.33 19.31 -33.45
N LYS B 295 -6.97 18.56 -32.41
CA LYS B 295 -6.55 19.15 -31.15
C LYS B 295 -5.04 19.37 -31.05
N GLY B 296 -4.28 19.04 -32.09
CA GLY B 296 -2.83 19.26 -32.11
C GLY B 296 -1.99 18.09 -31.67
N TYR B 297 -2.62 16.96 -31.38
CA TYR B 297 -1.83 15.80 -30.95
C TYR B 297 -1.17 15.13 -32.15
N ILE B 298 0.08 14.72 -31.99
CA ILE B 298 0.79 14.03 -33.06
C ILE B 298 0.25 12.61 -33.17
N GLU B 299 -0.12 12.22 -34.38
CA GLU B 299 -0.64 10.88 -34.64
C GLU B 299 0.49 9.91 -34.76
N VAL B 300 0.34 8.77 -34.09
CA VAL B 300 1.36 7.71 -34.15
C VAL B 300 0.74 6.33 -34.34
N ASP B 301 1.54 5.43 -34.91
CA ASP B 301 1.13 4.03 -35.06
C ASP B 301 1.53 3.27 -33.78
N LYS B 302 1.36 1.95 -33.78
CA LYS B 302 1.65 1.16 -32.57
C LYS B 302 3.12 1.18 -32.17
N PHE B 303 3.99 1.60 -33.11
CA PHE B 303 5.43 1.66 -32.89
C PHE B 303 5.95 3.08 -32.67
N GLN B 304 5.03 4.01 -32.41
CA GLN B 304 5.34 5.41 -32.15
C GLN B 304 5.85 6.15 -33.39
N ASN B 305 5.64 5.57 -34.57
CA ASN B 305 6.01 6.25 -35.80
C ASN B 305 4.99 7.31 -36.15
N THR B 306 5.48 8.47 -36.57
CA THR B 306 4.61 9.49 -37.20
C THR B 306 4.46 9.01 -38.66
N ASN B 307 3.80 9.82 -39.48
CA ASN B 307 3.70 9.50 -40.92
C ASN B 307 4.98 9.82 -41.69
N VAL B 308 5.95 10.42 -41.04
CA VAL B 308 7.21 10.82 -41.69
C VAL B 308 8.35 9.92 -41.23
N LYS B 309 9.01 9.29 -42.19
CA LYS B 309 10.11 8.39 -41.90
C LYS B 309 11.18 9.08 -41.06
N GLY B 310 11.58 8.42 -39.98
CA GLY B 310 12.61 8.97 -39.11
C GLY B 310 12.13 9.93 -38.04
N ILE B 311 10.81 10.16 -37.92
CA ILE B 311 10.26 11.02 -36.87
C ILE B 311 9.26 10.21 -36.07
N TYR B 312 9.42 10.25 -34.75
CA TYR B 312 8.60 9.48 -33.82
C TYR B 312 8.05 10.45 -32.77
N ALA B 313 7.05 9.98 -32.03
CA ALA B 313 6.52 10.76 -30.91
C ALA B 313 6.06 9.82 -29.80
N VAL B 314 6.30 10.22 -28.56
CA VAL B 314 5.83 9.47 -27.39
C VAL B 314 5.34 10.44 -26.36
N GLY B 315 4.45 9.97 -25.50
CA GLY B 315 4.01 10.77 -24.36
C GLY B 315 2.79 11.63 -24.56
N ASP B 316 2.68 12.66 -23.74
CA ASP B 316 1.50 13.51 -23.71
C ASP B 316 1.19 14.21 -25.02
N ASN B 317 2.19 14.45 -25.85
CA ASN B 317 1.92 15.12 -27.13
C ASN B 317 1.21 14.24 -28.15
N THR B 318 1.06 12.93 -27.87
N THR B 318 0.94 12.98 -27.78
CA THR B 318 0.41 12.01 -28.81
CA THR B 318 0.13 12.08 -28.61
C THR B 318 -1.08 11.78 -28.56
C THR B 318 -1.28 11.95 -28.00
N GLY B 319 -1.63 12.41 -27.52
N GLY B 319 -1.42 12.41 -26.75
CA GLY B 319 -3.07 12.32 -27.26
CA GLY B 319 -2.72 12.39 -26.06
C GLY B 319 -3.61 11.08 -26.57
C GLY B 319 -3.20 11.00 -25.72
N VAL B 320 -2.75 10.31 -25.93
N VAL B 320 -2.30 10.03 -25.73
CA VAL B 320 -3.26 9.12 -25.27
CA VAL B 320 -2.67 8.65 -25.43
C VAL B 320 -2.97 9.14 -23.77
C VAL B 320 -2.31 8.34 -23.99
N VAL B 321 -3.05 7.96 -23.13
N VAL B 321 -3.32 8.50 -23.12
CA VAL B 321 -2.80 7.73 -21.70
CA VAL B 321 -3.20 8.35 -21.68
C VAL B 321 -1.67 8.62 -21.13
C VAL B 321 -2.01 9.20 -21.21
N GLU B 322 -2.05 9.82 -20.73
N GLU B 322 -2.29 10.22 -20.41
CA GLU B 322 -1.13 10.85 -20.23
CA GLU B 322 -1.21 11.09 -19.99
C GLU B 322 -0.64 10.58 -18.80
C GLU B 322 -0.62 10.63 -18.67
N LEU B 323 0.30 9.66 -18.72
CA LEU B 323 0.94 9.18 -17.51
C LEU B 323 2.43 9.02 -17.74
N THR B 324 3.22 9.23 -16.69
CA THR B 324 4.67 9.13 -16.81
C THR B 324 5.19 7.73 -17.21
N PRO B 325 4.69 6.67 -16.58
CA PRO B 325 5.26 5.36 -16.96
C PRO B 325 4.97 4.94 -18.39
N VAL B 326 3.90 5.49 -18.96
CA VAL B 326 3.53 5.22 -20.33
C VAL B 326 4.55 5.90 -21.26
N ALA B 327 4.82 7.18 -21.01
CA ALA B 327 5.84 7.89 -21.79
C ALA B 327 7.20 7.21 -21.67
N VAL B 328 7.55 6.82 -20.45
CA VAL B 328 8.83 6.16 -20.21
C VAL B 328 8.93 4.83 -20.97
N ALA B 329 7.92 3.98 -20.78
CA ALA B 329 7.94 2.65 -21.42
C ALA B 329 7.90 2.75 -22.94
N ALA B 330 7.09 3.66 -23.47
CA ALA B 330 7.02 3.84 -24.92
C ALA B 330 8.37 4.30 -25.47
N GLY B 331 9.02 5.20 -24.74
CA GLY B 331 10.31 5.73 -25.16
C GLY B 331 11.42 4.70 -25.13
N ARG B 332 11.44 3.90 -24.07
CA ARG B 332 12.44 2.83 -23.96
C ARG B 332 12.23 1.76 -25.01
N ARG B 333 10.99 1.35 -25.21
CA ARG B 333 10.68 0.31 -26.21
C ARG B 333 10.99 0.78 -27.62
N LEU B 334 10.78 2.06 -27.88
CA LEU B 334 11.11 2.64 -29.17
C LEU B 334 12.62 2.51 -29.41
N SER B 335 13.43 2.86 -28.41
CA SER B 335 14.88 2.75 -28.55
C SER B 335 15.32 1.30 -28.72
N GLU B 336 14.66 0.37 -28.03
CA GLU B 336 14.94 -1.05 -28.23
C GLU B 336 14.68 -1.45 -29.68
N ARG B 337 13.55 -0.97 -30.21
CA ARG B 337 13.18 -1.27 -31.58
C ARG B 337 14.15 -0.71 -32.60
N LEU B 338 14.42 0.58 -32.48
CA LEU B 338 15.30 1.24 -33.45
C LEU B 338 16.75 0.85 -33.37
N PHE B 339 17.23 0.59 -32.15
CA PHE B 339 18.67 0.46 -31.95
C PHE B 339 19.17 -0.84 -31.36
N ASN B 340 18.27 -1.74 -30.99
CA ASN B 340 18.68 -3.02 -30.46
C ASN B 340 18.05 -4.20 -31.22
N ASN B 341 17.78 -3.98 -32.52
CA ASN B 341 17.35 -5.04 -33.43
C ASN B 341 16.16 -5.86 -32.97
N LYS B 342 15.13 -5.15 -32.51
CA LYS B 342 13.85 -5.74 -32.07
C LYS B 342 12.75 -5.03 -32.85
N PRO B 343 12.60 -5.38 -34.13
CA PRO B 343 11.66 -4.66 -35.01
C PRO B 343 10.21 -4.63 -34.59
N ASP B 344 9.77 -5.56 -33.74
CA ASP B 344 8.39 -5.57 -33.29
C ASP B 344 8.22 -4.98 -31.89
N GLU B 345 9.29 -4.52 -31.27
CA GLU B 345 9.15 -4.02 -29.89
C GLU B 345 8.22 -2.81 -29.83
N HIS B 346 7.27 -2.83 -28.89
CA HIS B 346 6.31 -1.75 -28.74
C HIS B 346 5.65 -1.88 -27.38
N LEU B 347 4.98 -0.82 -26.97
CA LEU B 347 4.25 -0.82 -25.70
C LEU B 347 2.82 -1.28 -25.91
N ASP B 348 2.39 -2.17 -25.02
CA ASP B 348 1.02 -2.65 -24.95
C ASP B 348 0.27 -1.60 -24.10
N TYR B 349 -0.69 -0.88 -24.70
CA TYR B 349 -1.47 0.16 -24.01
C TYR B 349 -2.73 -0.36 -23.32
N SER B 350 -2.94 -1.67 -23.32
CA SER B 350 -4.13 -2.22 -22.68
C SER B 350 -3.89 -2.48 -21.20
N ASN B 351 -4.94 -2.28 -20.39
CA ASN B 351 -4.90 -2.56 -18.97
C ASN B 351 -3.76 -1.91 -18.22
N ILE B 352 -3.61 -0.62 -18.47
CA ILE B 352 -2.63 0.16 -17.76
C ILE B 352 -3.29 0.62 -16.46
N PRO B 353 -2.63 0.39 -15.32
CA PRO B 353 -3.19 0.82 -14.04
C PRO B 353 -2.99 2.30 -13.77
N THR B 354 -3.98 2.89 -13.09
N THR B 354 -3.91 2.89 -13.02
CA THR B 354 -3.98 4.30 -12.73
CA THR B 354 -3.74 4.27 -12.64
C THR B 354 -4.30 4.45 -11.23
C THR B 354 -4.28 4.47 -11.26
N VAL B 355 -3.59 5.36 -10.55
CA VAL B 355 -3.94 5.78 -9.20
C VAL B 355 -4.24 7.27 -9.24
N VAL B 356 -5.29 7.68 -8.52
CA VAL B 356 -5.60 9.09 -8.31
C VAL B 356 -5.35 9.33 -6.84
N PHE B 357 -4.52 10.33 -6.54
CA PHE B 357 -4.18 10.68 -5.16
C PHE B 357 -5.21 11.64 -4.52
N SER B 358 -6.43 11.16 -4.58
CA SER B 358 -7.54 11.79 -3.94
C SER B 358 -7.51 11.39 -2.49
N HIS B 359 -8.48 11.92 -1.74
CA HIS B 359 -8.72 11.58 -0.37
C HIS B 359 -10.09 10.86 -0.36
N PRO B 360 -10.11 9.53 -0.16
CA PRO B 360 -8.92 8.69 -0.08
C PRO B 360 -8.50 8.31 -1.49
N PRO B 361 -7.33 7.70 -1.64
CA PRO B 361 -6.89 7.40 -3.01
C PRO B 361 -7.72 6.37 -3.75
N ILE B 362 -7.66 6.45 -5.07
CA ILE B 362 -8.36 5.56 -5.97
C ILE B 362 -7.37 4.80 -6.80
N GLY B 363 -7.63 3.51 -7.00
CA GLY B 363 -6.85 2.69 -7.93
C GLY B 363 -7.79 2.03 -8.89
N THR B 364 -7.47 2.05 -10.17
CA THR B 364 -8.31 1.41 -11.17
C THR B 364 -7.53 0.82 -12.34
N ILE B 365 -8.02 -0.32 -12.83
N ILE B 365 -8.01 -0.30 -12.87
CA ILE B 365 -7.47 -0.98 -13.99
CA ILE B 365 -7.41 -0.92 -14.04
C ILE B 365 -8.63 -1.58 -14.77
C ILE B 365 -8.49 -1.70 -14.76
N GLY B 366 -8.55 -1.53 -16.09
CA GLY B 366 -9.53 -2.20 -16.92
C GLY B 366 -10.90 -1.59 -16.95
N LEU B 367 -11.87 -2.45 -17.24
CA LEU B 367 -13.23 -2.00 -17.46
C LEU B 367 -14.05 -1.75 -16.21
N THR B 368 -14.82 -0.67 -16.26
CA THR B 368 -15.80 -0.42 -15.21
C THR B 368 -16.96 -1.42 -15.42
N GLU B 369 -17.81 -1.55 -14.41
CA GLU B 369 -18.97 -2.43 -14.56
C GLU B 369 -19.85 -2.04 -15.75
N PRO B 370 -20.22 -0.74 -15.88
CA PRO B 370 -21.02 -0.41 -17.07
C PRO B 370 -20.33 -0.73 -18.40
N GLN B 371 -19.02 -0.52 -18.47
CA GLN B 371 -18.29 -0.78 -19.71
C GLN B 371 -18.31 -2.25 -20.04
N ALA B 372 -18.11 -3.07 -19.00
CA ALA B 372 -18.10 -4.53 -19.21
C ALA B 372 -19.46 -5.05 -19.63
N ARG B 373 -20.53 -4.54 -19.01
CA ARG B 373 -21.88 -4.96 -19.38
C ARG B 373 -22.21 -4.57 -20.81
N GLU B 374 -21.80 -3.37 -21.21
CA GLU B 374 -22.06 -2.89 -22.56
C GLU B 374 -21.29 -3.72 -23.59
N LYS B 375 -20.05 -4.02 -23.27
CA LYS B 375 -19.22 -4.78 -24.20
C LYS B 375 -19.58 -6.25 -24.34
N PHE B 376 -19.75 -6.92 -23.21
CA PHE B 376 -19.97 -8.36 -23.19
C PHE B 376 -21.38 -8.84 -23.00
N GLY B 377 -22.29 -7.97 -22.56
CA GLY B 377 -23.65 -8.39 -22.29
C GLY B 377 -23.82 -8.72 -20.81
N ASP B 378 -24.99 -8.37 -20.24
CA ASP B 378 -25.23 -8.61 -18.83
C ASP B 378 -25.03 -10.03 -18.36
N ASP B 379 -25.47 -11.01 -19.16
CA ASP B 379 -25.37 -12.40 -18.77
C ASP B 379 -23.97 -12.96 -18.70
N GLN B 380 -22.99 -12.23 -19.23
CA GLN B 380 -21.60 -12.65 -19.21
C GLN B 380 -20.80 -11.97 -18.11
N VAL B 381 -21.41 -11.03 -17.39
CA VAL B 381 -20.69 -10.28 -16.36
C VAL B 381 -21.14 -10.63 -14.95
N LYS B 382 -20.16 -10.79 -14.07
CA LYS B 382 -20.36 -11.04 -12.66
C LYS B 382 -19.50 -10.04 -11.94
N VAL B 383 -20.08 -9.35 -10.96
CA VAL B 383 -19.37 -8.36 -10.18
C VAL B 383 -19.29 -8.75 -8.71
N TYR B 384 -18.11 -8.61 -8.13
CA TYR B 384 -17.90 -8.82 -6.71
C TYR B 384 -17.55 -7.47 -6.09
N THR B 385 -18.08 -7.21 -4.91
CA THR B 385 -17.80 -5.95 -4.23
C THR B 385 -17.55 -6.16 -2.75
N SER B 386 -16.84 -5.21 -2.16
CA SER B 386 -16.63 -5.18 -0.73
C SER B 386 -16.74 -3.74 -0.26
N SER B 387 -17.31 -3.55 0.92
CA SER B 387 -17.39 -2.22 1.54
C SER B 387 -17.01 -2.42 2.97
N PHE B 388 -16.08 -1.60 3.46
CA PHE B 388 -15.64 -1.71 4.84
C PHE B 388 -15.12 -0.37 5.32
N THR B 389 -14.75 -0.28 6.60
CA THR B 389 -14.24 0.97 7.14
C THR B 389 -12.77 0.81 7.30
N ALA B 390 -12.03 1.80 6.82
CA ALA B 390 -10.58 1.80 6.91
C ALA B 390 -10.17 1.65 8.37
N MET B 391 -9.36 0.66 8.69
CA MET B 391 -8.99 0.43 10.08
C MET B 391 -8.32 1.66 10.76
N TYR B 392 -7.52 2.39 10.00
CA TYR B 392 -6.90 3.61 10.51
C TYR B 392 -7.91 4.58 11.05
N SER B 393 -9.06 4.65 10.38
CA SER B 393 -10.08 5.60 10.79
C SER B 393 -11.11 5.02 11.76
N ALA B 394 -11.09 3.70 11.93
CA ALA B 394 -12.15 3.02 12.71
C ALA B 394 -12.24 3.36 14.18
N VAL B 395 -11.12 3.74 14.80
CA VAL B 395 -11.12 4.12 16.21
C VAL B 395 -11.40 5.61 16.41
N THR B 396 -11.66 6.33 15.33
CA THR B 396 -11.82 7.78 15.38
C THR B 396 -13.25 8.22 15.14
N GLN B 397 -13.44 9.54 15.28
CA GLN B 397 -14.73 10.18 15.02
C GLN B 397 -14.83 10.57 13.55
N HIS B 398 -13.92 10.07 12.71
CA HIS B 398 -13.88 10.38 11.29
C HIS B 398 -13.71 9.10 10.50
N ARG B 399 -14.65 8.19 10.71
CA ARG B 399 -14.62 6.90 10.01
C ARG B 399 -14.74 7.15 8.53
N GLN B 400 -13.93 6.45 7.73
CA GLN B 400 -13.91 6.62 6.30
C GLN B 400 -14.15 5.30 5.58
N PRO B 401 -14.99 5.30 4.57
CA PRO B 401 -15.20 4.07 3.86
C PRO B 401 -14.09 3.65 2.90
N CYS B 402 -14.01 2.34 2.66
N CYS B 402 -14.06 2.35 2.64
CA CYS B 402 -13.15 1.77 1.62
CA CYS B 402 -13.23 1.78 1.62
C CYS B 402 -14.04 0.82 0.84
C CYS B 402 -14.23 0.96 0.83
N ARG B 403 -14.13 1.00 -0.48
CA ARG B 403 -14.96 0.15 -1.33
C ARG B 403 -14.13 -0.39 -2.47
N MET B 404 -14.37 -1.65 -2.81
CA MET B 404 -13.62 -2.34 -3.85
C MET B 404 -14.53 -3.15 -4.75
N LYS B 405 -14.13 -3.33 -5.99
CA LYS B 405 -14.93 -4.07 -6.94
C LYS B 405 -14.06 -4.86 -7.91
N LEU B 406 -14.47 -6.10 -8.17
CA LEU B 406 -13.89 -6.94 -9.22
C LEU B 406 -14.96 -7.14 -10.28
N VAL B 407 -14.64 -6.84 -11.54
CA VAL B 407 -15.56 -7.01 -12.66
C VAL B 407 -15.07 -8.22 -13.44
N CYS B 408 -15.93 -9.26 -13.55
CA CYS B 408 -15.54 -10.54 -14.15
C CYS B 408 -16.39 -10.87 -15.35
N VAL B 409 -15.79 -11.58 -16.31
CA VAL B 409 -16.46 -11.97 -17.55
C VAL B 409 -16.30 -13.45 -17.81
N GLY B 410 -17.39 -14.05 -18.28
CA GLY B 410 -17.41 -15.46 -18.62
C GLY B 410 -17.61 -16.42 -17.48
N ALA B 411 -17.84 -17.69 -17.83
CA ALA B 411 -18.06 -18.69 -16.82
C ALA B 411 -16.84 -18.88 -15.90
N GLU B 412 -15.63 -18.66 -16.43
CA GLU B 412 -14.42 -18.79 -15.61
C GLU B 412 -14.15 -17.53 -14.76
N GLU B 413 -14.98 -16.50 -14.94
CA GLU B 413 -14.85 -15.24 -14.20
C GLU B 413 -13.47 -14.62 -14.32
N LYS B 414 -13.09 -14.40 -15.56
CA LYS B 414 -11.85 -13.70 -15.85
C LYS B 414 -12.01 -12.27 -15.37
N ILE B 415 -11.04 -11.76 -14.63
CA ILE B 415 -11.12 -10.40 -14.11
C ILE B 415 -10.73 -9.41 -15.20
N VAL B 416 -11.67 -8.54 -15.57
CA VAL B 416 -11.47 -7.54 -16.61
C VAL B 416 -11.42 -6.13 -16.05
N GLY B 417 -11.73 -5.97 -14.75
CA GLY B 417 -11.63 -4.67 -14.13
C GLY B 417 -11.43 -4.82 -12.64
N ILE B 418 -10.59 -3.96 -12.08
CA ILE B 418 -10.30 -3.94 -10.65
C ILE B 418 -10.38 -2.48 -10.24
N HIS B 419 -11.20 -2.18 -9.22
CA HIS B 419 -11.42 -0.79 -8.81
C HIS B 419 -11.47 -0.70 -7.31
N GLY B 420 -10.80 0.30 -6.75
CA GLY B 420 -10.87 0.50 -5.31
C GLY B 420 -10.68 1.93 -4.92
N ILE B 421 -11.28 2.30 -3.78
CA ILE B 421 -11.12 3.61 -3.22
C ILE B 421 -10.98 3.43 -1.72
N GLY B 422 -9.91 3.97 -1.15
CA GLY B 422 -9.71 3.86 0.27
C GLY B 422 -8.25 3.98 0.65
N PHE B 423 -8.01 4.15 1.94
CA PHE B 423 -6.65 4.22 2.45
C PHE B 423 -5.85 3.03 1.95
N GLY B 424 -4.68 3.32 1.39
CA GLY B 424 -3.77 2.29 0.88
C GLY B 424 -3.90 1.96 -0.59
N MET B 425 -4.98 2.39 -1.24
CA MET B 425 -5.18 2.01 -2.66
C MET B 425 -4.02 2.38 -3.57
N ASP B 426 -3.34 3.47 -3.23
CA ASP B 426 -2.16 3.90 -3.98
C ASP B 426 -1.10 2.80 -4.08
N GLU B 427 -0.89 2.07 -3.01
CA GLU B 427 0.14 1.01 -2.99
C GLU B 427 -0.39 -0.39 -3.28
N ILE B 428 -1.69 -0.59 -3.10
CA ILE B 428 -2.31 -1.91 -3.32
C ILE B 428 -2.35 -2.37 -4.76
N LEU B 429 -2.59 -1.43 -5.67
CA LEU B 429 -2.92 -1.77 -7.04
C LEU B 429 -1.88 -2.46 -7.89
N GLN B 430 -0.61 -2.12 -7.73
CA GLN B 430 0.40 -2.61 -8.68
C GLN B 430 0.45 -4.11 -8.86
N GLY B 431 0.47 -4.86 -7.75
CA GLY B 431 0.55 -6.29 -7.82
C GLY B 431 -0.67 -6.91 -8.51
N PHE B 432 -1.84 -6.33 -8.22
CA PHE B 432 -3.08 -6.78 -8.86
C PHE B 432 -3.05 -6.50 -10.34
N ALA B 433 -2.38 -5.42 -10.75
CA ALA B 433 -2.20 -5.15 -12.18
C ALA B 433 -1.39 -6.26 -12.86
N VAL B 434 -0.36 -6.78 -12.18
CA VAL B 434 0.42 -7.87 -12.70
C VAL B 434 -0.50 -9.09 -12.88
N ALA B 435 -1.28 -9.40 -11.87
CA ALA B 435 -2.17 -10.55 -11.95
C ALA B 435 -3.17 -10.41 -13.09
N MET B 436 -3.72 -9.23 -13.28
CA MET B 436 -4.68 -9.02 -14.35
C MET B 436 -3.98 -9.15 -15.71
N LYS B 437 -2.75 -8.65 -15.84
CA LYS B 437 -2.00 -8.79 -17.11
C LYS B 437 -1.73 -10.26 -17.46
N MET B 438 -1.60 -11.09 -16.43
CA MET B 438 -1.43 -12.53 -16.59
C MET B 438 -2.74 -13.28 -16.85
N GLY B 439 -3.89 -12.60 -16.85
CA GLY B 439 -5.16 -13.26 -17.10
C GLY B 439 -5.83 -13.89 -15.90
N ALA B 440 -5.61 -13.28 -14.74
CA ALA B 440 -6.23 -13.79 -13.52
C ALA B 440 -7.74 -13.93 -13.59
N THR B 441 -8.22 -14.98 -12.94
CA THR B 441 -9.65 -15.21 -12.76
C THR B 441 -9.95 -15.09 -11.28
N LYS B 442 -11.23 -15.05 -10.93
CA LYS B 442 -11.64 -14.98 -9.53
C LYS B 442 -11.04 -16.16 -8.73
N LYS B 443 -10.96 -17.34 -9.33
CA LYS B 443 -10.34 -18.49 -8.64
C LYS B 443 -8.88 -18.22 -8.26
N ASP B 444 -8.14 -17.51 -9.12
CA ASP B 444 -6.75 -17.18 -8.80
C ASP B 444 -6.67 -16.32 -7.56
N PHE B 445 -7.63 -15.41 -7.40
CA PHE B 445 -7.70 -14.58 -6.20
C PHE B 445 -8.12 -15.44 -4.99
N ASP B 446 -9.12 -16.31 -5.20
CA ASP B 446 -9.59 -17.24 -4.15
C ASP B 446 -8.44 -18.09 -3.62
N ASN B 447 -7.54 -18.49 -4.51
CA ASN B 447 -6.45 -19.41 -4.14
C ASN B 447 -5.28 -18.76 -3.44
N THR B 448 -5.32 -17.43 -3.30
CA THR B 448 -4.22 -16.72 -2.63
C THR B 448 -4.65 -16.41 -1.19
N VAL B 449 -3.80 -16.76 -0.24
CA VAL B 449 -4.11 -16.49 1.17
C VAL B 449 -3.96 -15.01 1.49
N ALA B 450 -4.89 -14.51 2.30
CA ALA B 450 -4.93 -13.15 2.69
C ALA B 450 -3.79 -12.79 3.64
N ILE B 451 -3.47 -11.49 3.65
CA ILE B 451 -2.54 -10.90 4.62
C ILE B 451 -3.42 -10.07 5.56
N HIS B 452 -3.37 -10.35 6.86
CA HIS B 452 -4.20 -9.66 7.85
C HIS B 452 -3.35 -8.93 8.87
N PRO B 453 -3.72 -7.74 9.33
CA PRO B 453 -4.88 -6.95 8.91
C PRO B 453 -4.43 -5.90 7.89
N THR B 454 -5.02 -5.95 6.70
CA THR B 454 -4.71 -4.99 5.63
C THR B 454 -6.02 -4.65 4.91
N ALA B 455 -5.97 -3.59 4.12
CA ALA B 455 -7.08 -3.30 3.22
C ALA B 455 -6.99 -4.24 2.01
N ALA B 456 -5.77 -4.51 1.55
CA ALA B 456 -5.54 -5.32 0.34
C ALA B 456 -6.19 -6.69 0.38
N GLU B 457 -6.23 -7.30 1.55
CA GLU B 457 -6.82 -8.63 1.68
C GLU B 457 -8.26 -8.68 1.23
N GLU B 458 -8.97 -7.57 1.30
CA GLU B 458 -10.37 -7.59 0.88
C GLU B 458 -10.51 -7.96 -0.60
N PHE B 459 -9.49 -7.69 -1.42
CA PHE B 459 -9.58 -8.08 -2.83
C PHE B 459 -9.56 -9.56 -3.05
N VAL B 460 -8.98 -10.32 -2.11
CA VAL B 460 -8.90 -11.77 -2.25
C VAL B 460 -9.89 -12.53 -1.36
N THR B 461 -10.81 -11.82 -0.72
N THR B 461 -10.79 -11.82 -0.70
CA THR B 461 -11.76 -12.43 0.20
CA THR B 461 -11.76 -12.45 0.19
C THR B 461 -13.23 -12.22 -0.20
C THR B 461 -13.20 -12.00 -0.13
N MET B 462 -13.46 -11.66 -1.39
CA MET B 462 -14.86 -11.34 -1.80
C MET B 462 -15.61 -12.62 -2.13
N ARG B 463 -16.92 -12.61 -1.86
CA ARG B 463 -17.80 -13.76 -2.15
C ARG B 463 -19.09 -13.26 -2.81
K K C . 7.31 -3.05 -16.07
PA FAD D . -7.01 -18.17 18.71
O1A FAD D . -7.49 -17.05 17.83
O2A FAD D . -5.96 -17.93 19.74
O5B FAD D . -8.32 -18.74 19.41
C5B FAD D . -8.24 -19.80 20.36
C4B FAD D . -9.41 -19.61 21.31
O4B FAD D . -9.66 -20.81 22.05
C3B FAD D . -9.17 -18.50 22.33
O3B FAD D . -10.17 -17.48 22.18
C2B FAD D . -9.18 -19.21 23.68
O2B FAD D . -9.77 -18.47 24.75
C1B FAD D . -10.03 -20.41 23.39
N9A FAD D . -9.82 -21.64 24.15
C8A FAD D . -8.65 -22.31 24.33
N7A FAD D . -8.88 -23.47 25.00
C5A FAD D . -10.22 -23.56 25.18
C6A FAD D . -11.15 -24.52 25.80
N6A FAD D . -10.67 -25.64 26.35
N1A FAD D . -12.47 -24.22 25.79
C2A FAD D . -12.96 -23.10 25.24
N3A FAD D . -12.17 -22.16 24.65
C4A FAD D . -10.83 -22.36 24.62
N1 FAD D . -1.73 -13.02 12.68
C2 FAD D . -1.83 -12.40 11.47
O2 FAD D . -2.28 -13.05 10.52
N3 FAD D . -1.49 -11.10 11.33
C4 FAD D . -1.02 -10.35 12.34
O4 FAD D . -0.71 -9.14 12.19
C4X FAD D . -0.88 -10.96 13.68
N5 FAD D . -0.43 -10.29 14.75
C5X FAD D . -0.34 -10.89 15.97
C6 FAD D . 0.14 -10.16 17.05
C7 FAD D . 0.23 -10.75 18.30
C7M FAD D . 0.75 -9.97 19.48
C8 FAD D . -0.16 -12.16 18.47
C8M FAD D . -0.06 -12.84 19.82
C9 FAD D . -0.63 -12.88 17.39
C9A FAD D . -0.74 -12.30 16.13
N10 FAD D . -1.20 -13.01 15.01
C10 FAD D . -1.28 -12.37 13.77
C1' FAD D . -1.56 -14.43 15.03
C2' FAD D . -3.03 -14.68 15.17
O2' FAD D . -3.50 -13.99 16.31
C3' FAD D . -3.20 -16.18 15.35
O3' FAD D . -2.48 -16.90 14.34
C4' FAD D . -4.67 -16.56 15.34
O4' FAD D . -5.35 -15.86 16.38
C5' FAD D . -4.77 -18.06 15.56
O5' FAD D . -6.15 -18.42 15.50
P FAD D . -6.62 -19.75 16.28
O1P FAD D . -8.07 -19.93 15.91
O2P FAD D . -5.62 -20.86 16.05
O3P FAD D . -6.46 -19.38 17.83
C1 BDF E . -5.33 -14.18 27.81
C2 BDF E . -5.48 -15.40 26.89
C3 BDF E . -4.35 -15.50 25.87
C4 BDF E . -4.59 -16.65 24.88
C5 BDF E . -5.97 -16.52 24.26
C6 BDF E . -7.04 -16.42 25.33
O1 BDF E . -5.39 -12.95 27.08
O2 BDF E . -5.48 -16.57 27.70
O3 BDF E . -3.09 -15.73 26.52
O4 BDF E . -3.60 -16.63 23.84
O5 BDF E . -5.99 -15.35 23.41
O6 BDF E . -6.75 -15.32 26.22
C1 GOL F . 18.81 6.86 -2.70
O1 GOL F . 18.14 5.81 -1.99
C2 GOL F . 18.13 7.13 -4.06
O2 GOL F . 17.96 5.90 -4.78
C3 GOL F . 16.79 7.83 -3.86
O3 GOL F . 15.70 6.92 -4.04
K K G . -8.42 -15.91 -0.82
PA FAD H . 6.85 16.18 -20.28
O1A FAD H . 5.88 17.30 -20.13
O2A FAD H . 7.33 15.41 -19.10
O5B FAD H . 8.17 16.74 -21.01
C5B FAD H . 8.08 17.57 -22.17
C4B FAD H . 9.31 18.46 -22.14
O4B FAD H . 9.52 19.07 -23.43
C3B FAD H . 9.18 19.61 -21.13
O3B FAD H . 10.24 19.54 -20.17
C2B FAD H . 9.22 20.89 -21.97
O2B FAD H . 9.90 21.99 -21.37
C1B FAD H . 9.97 20.43 -23.19
N9A FAD H . 9.73 21.07 -24.47
C8A FAD H . 8.54 21.27 -25.09
N7A FAD H . 8.75 21.81 -26.33
C5A FAD H . 10.08 21.89 -26.51
C6A FAD H . 10.98 22.33 -27.58
N6A FAD H . 10.46 22.80 -28.72
N1A FAD H . 12.31 22.27 -27.35
C2A FAD H . 12.85 21.79 -26.20
N3A FAD H . 12.07 21.36 -25.18
C4A FAD H . 10.72 21.39 -25.29
N1 FAD H . 1.56 11.06 -14.28
C2 FAD H . 1.64 9.92 -13.53
O2 FAD H . 1.97 8.86 -14.10
N3 FAD H . 1.36 9.93 -12.21
C4 FAD H . 1.00 11.04 -11.54
O4 FAD H . 0.77 11.03 -10.32
C4X FAD H . 0.91 12.31 -12.28
N5 FAD H . 0.56 13.46 -11.68
C5X FAD H . 0.51 14.62 -12.39
C6 FAD H . 0.14 15.81 -11.77
C7 FAD H . 0.08 16.99 -12.49
C7M FAD H . -0.31 18.27 -11.82
C8 FAD H . 0.38 16.99 -13.93
C8M FAD H . 0.33 18.27 -14.74
C9 FAD H . 0.74 15.81 -14.56
C9A FAD H . 0.82 14.62 -13.84
N10 FAD H . 1.16 13.40 -14.47
C10 FAD H . 1.21 12.23 -13.71
C1' FAD H . 1.44 13.26 -15.90
C2' FAD H . 2.89 13.29 -16.24
O2' FAD H . 3.47 14.45 -15.67
C3' FAD H . 2.99 13.32 -17.76
O3' FAD H . 2.17 12.27 -18.32
C4' FAD H . 4.41 13.16 -18.23
O4' FAD H . 5.22 14.22 -17.69
C5' FAD H . 4.45 13.21 -19.75
O5' FAD H . 5.78 13.04 -20.17
P FAD H . 6.24 13.64 -21.58
O1P FAD H . 7.64 13.16 -21.80
O2P FAD H . 5.17 13.34 -22.61
O3P FAD H . 6.18 15.23 -21.38
C1 BDF I . 5.95 25.75 -17.27
C2 BDF I . 5.97 24.70 -18.37
C3 BDF I . 4.77 23.75 -18.27
C4 BDF I . 4.87 22.63 -19.30
C5 BDF I . 6.22 21.92 -19.19
C6 BDF I . 7.35 22.95 -19.29
O1 BDF I . 6.10 25.15 -15.97
O2 BDF I . 5.93 25.36 -19.64
O3 BDF I . 3.53 24.46 -18.48
O4 BDF I . 3.82 21.68 -19.11
O5 BDF I . 6.27 21.21 -17.95
O6 BDF I . 7.19 23.96 -18.29
C1 GOL J . -18.59 -0.88 8.33
O1 GOL J . -17.93 -0.33 7.19
C2 GOL J . -17.96 -2.20 8.76
O2 GOL J . -17.95 -3.12 7.66
C3 GOL J . -16.53 -1.99 9.28
O3 GOL J . -15.55 -2.40 8.33
#